data_7Z82
# 
_entry.id   7Z82 
# 
_audit_conform.dict_name       mmcif_pdbx.dic 
_audit_conform.dict_version    5.385 
_audit_conform.dict_location   http://mmcif.pdb.org/dictionaries/ascii/mmcif_pdbx.dic 
# 
loop_
_database_2.database_id 
_database_2.database_code 
_database_2.pdbx_database_accession 
_database_2.pdbx_DOI 
PDB   7Z82         pdb_00007z82 10.2210/pdb7z82/pdb 
WWPDB D_1292120682 ?            ?                   
# 
loop_
_pdbx_audit_revision_history.ordinal 
_pdbx_audit_revision_history.data_content_type 
_pdbx_audit_revision_history.major_revision 
_pdbx_audit_revision_history.minor_revision 
_pdbx_audit_revision_history.revision_date 
1 'Structure model' 1 0 2023-03-29 
2 'Structure model' 1 1 2023-10-11 
3 'Structure model' 1 2 2024-02-07 
# 
_pdbx_audit_revision_details.ordinal             1 
_pdbx_audit_revision_details.revision_ordinal    1 
_pdbx_audit_revision_details.data_content_type   'Structure model' 
_pdbx_audit_revision_details.provider            repository 
_pdbx_audit_revision_details.type                'Initial release' 
_pdbx_audit_revision_details.description         ? 
_pdbx_audit_revision_details.details             ? 
# 
loop_
_pdbx_audit_revision_group.ordinal 
_pdbx_audit_revision_group.revision_ordinal 
_pdbx_audit_revision_group.data_content_type 
_pdbx_audit_revision_group.group 
1 2 'Structure model' 'Data collection'        
2 2 'Structure model' 'Database references'    
3 3 'Structure model' 'Refinement description' 
# 
loop_
_pdbx_audit_revision_category.ordinal 
_pdbx_audit_revision_category.revision_ordinal 
_pdbx_audit_revision_category.data_content_type 
_pdbx_audit_revision_category.category 
1 2 'Structure model' chem_comp_atom                
2 2 'Structure model' chem_comp_bond                
3 2 'Structure model' citation                      
4 2 'Structure model' citation_author               
5 3 'Structure model' pdbx_initial_refinement_model 
# 
loop_
_pdbx_audit_revision_item.ordinal 
_pdbx_audit_revision_item.revision_ordinal 
_pdbx_audit_revision_item.data_content_type 
_pdbx_audit_revision_item.item 
1  2 'Structure model' '_citation.journal_abbrev'          
2  2 'Structure model' '_citation.journal_id_CSD'          
3  2 'Structure model' '_citation.journal_id_ISSN'         
4  2 'Structure model' '_citation.journal_volume'          
5  2 'Structure model' '_citation.page_first'              
6  2 'Structure model' '_citation.page_last'               
7  2 'Structure model' '_citation.pdbx_database_id_DOI'    
8  2 'Structure model' '_citation.pdbx_database_id_PubMed' 
9  2 'Structure model' '_citation.title'                   
10 2 'Structure model' '_citation.year'                    
# 
_pdbx_database_status.status_code                     REL 
_pdbx_database_status.status_code_sf                  REL 
_pdbx_database_status.status_code_mr                  ? 
_pdbx_database_status.entry_id                        7Z82 
_pdbx_database_status.recvd_initial_deposition_date   2022-03-16 
_pdbx_database_status.SG_entry                        N 
_pdbx_database_status.deposit_site                    PDBE 
_pdbx_database_status.process_site                    PDBE 
_pdbx_database_status.status_code_cs                  ? 
_pdbx_database_status.status_code_nmr_data            ? 
_pdbx_database_status.methods_development_category    ? 
_pdbx_database_status.pdb_format_compatible           Y 
# 
_pdbx_contact_author.id                 2 
_pdbx_contact_author.email              bohdan@ibt.cas.cz 
_pdbx_contact_author.name_first         Bohdan 
_pdbx_contact_author.name_last          Schneider 
_pdbx_contact_author.name_mi            ? 
_pdbx_contact_author.role               'principal investigator/group leader' 
_pdbx_contact_author.identifier_ORCID   0000-0001-7855-3690 
# 
loop_
_audit_author.name 
_audit_author.pdbx_ordinal 
_audit_author.identifier_ORCID 
'Svoboda, J.'   1 0000-0003-3056-2357 
'Kolenko, P.'   2 0000-0002-4619-9276 
'Berdar, D.'    3 ?                   
'Schneider, B.' 4 0000-0001-7855-3690 
# 
_citation.abstract                  ? 
_citation.abstract_id_CAS           ? 
_citation.book_id_ISBN              ? 
_citation.book_publisher            ? 
_citation.book_publisher_city       ? 
_citation.book_title                ? 
_citation.coordinate_linkage        ? 
_citation.country                   ? 
_citation.database_id_Medline       ? 
_citation.details                   ? 
_citation.id                        primary 
_citation.journal_abbrev            'Acta Crystallogr D Struct Biol' 
_citation.journal_id_ASTM           ? 
_citation.journal_id_CSD            ? 
_citation.journal_id_ISSN           2059-7983 
_citation.journal_full              ? 
_citation.journal_issue             ? 
_citation.journal_volume            79 
_citation.language                  ? 
_citation.page_first                655 
_citation.page_last                 665 
_citation.title                     'Conformation-based refinement of 18-mer DNA structures.' 
_citation.year                      2023 
_citation.database_id_CSD           ? 
_citation.pdbx_database_id_DOI      10.1107/S2059798323004679 
_citation.pdbx_database_id_PubMed   37338420 
_citation.pdbx_database_id_patent   ? 
_citation.unpublished_flag          ? 
# 
loop_
_citation_author.citation_id 
_citation_author.name 
_citation_author.ordinal 
_citation_author.identifier_ORCID 
primary 'Svoboda, J.'   1 0000-0003-3056-2357 
primary 'Berdar, D.'    2 ?                   
primary 'Kolenko, P.'   3 0000-0002-4619-9276 
primary 'Cerny, J.'     4 0000-0002-1969-9304 
primary 'Novakova, Z.'  5 0000-0001-9804-6346 
primary 'Pavlicek, J.'  6 ?                   
primary 'Schneider, B.' 7 0000-0001-7855-3690 
# 
loop_
_entity.id 
_entity.type 
_entity.src_method 
_entity.pdbx_description 
_entity.formula_weight 
_entity.pdbx_number_of_molecules 
_entity.pdbx_ec 
_entity.pdbx_mutation 
_entity.pdbx_fragment 
_entity.details 
1 polymer     syn 'Chom18-AG DNA' 5543.567 1 ? ? ? ? 
2 non-polymer syn 'STRONTIUM ION' 87.620   1 ? ? ? ? 
# 
_entity_poly.entity_id                      1 
_entity_poly.type                           polydeoxyribonucleotide 
_entity_poly.nstd_linkage                   no 
_entity_poly.nstd_monomer                   no 
_entity_poly.pdbx_seq_one_letter_code       '(DG)(DG)(DT)(DG)(DG)(DG)(DG)(DC)(DA)(DG)(DG)(DC)(DC)(DC)(DC)(DA)(DC)(DC)' 
_entity_poly.pdbx_seq_one_letter_code_can   GGTGGGGCAGGCCCCACC 
_entity_poly.pdbx_strand_id                 A 
_entity_poly.pdbx_target_identifier         ? 
# 
_pdbx_entity_nonpoly.entity_id   2 
_pdbx_entity_nonpoly.name        'STRONTIUM ION' 
_pdbx_entity_nonpoly.comp_id     SR 
# 
loop_
_entity_poly_seq.entity_id 
_entity_poly_seq.num 
_entity_poly_seq.mon_id 
_entity_poly_seq.hetero 
1 1  DG n 
1 2  DG n 
1 3  DT n 
1 4  DG n 
1 5  DG n 
1 6  DG n 
1 7  DG n 
1 8  DC n 
1 9  DA n 
1 10 DG n 
1 11 DG n 
1 12 DC n 
1 13 DC n 
1 14 DC n 
1 15 DC n 
1 16 DA n 
1 17 DC n 
1 18 DC n 
# 
_pdbx_entity_src_syn.entity_id              1 
_pdbx_entity_src_syn.pdbx_src_id            1 
_pdbx_entity_src_syn.pdbx_alt_source_flag   sample 
_pdbx_entity_src_syn.pdbx_beg_seq_num       1 
_pdbx_entity_src_syn.pdbx_end_seq_num       18 
_pdbx_entity_src_syn.organism_scientific    'Cardiobacterium hominis' 
_pdbx_entity_src_syn.organism_common_name   ? 
_pdbx_entity_src_syn.ncbi_taxonomy_id       2718 
_pdbx_entity_src_syn.details                ? 
# 
loop_
_chem_comp.id 
_chem_comp.type 
_chem_comp.mon_nstd_flag 
_chem_comp.name 
_chem_comp.pdbx_synonyms 
_chem_comp.formula 
_chem_comp.formula_weight 
DA 'DNA linking' y "2'-DEOXYADENOSINE-5'-MONOPHOSPHATE" ? 'C10 H14 N5 O6 P' 331.222 
DC 'DNA linking' y "2'-DEOXYCYTIDINE-5'-MONOPHOSPHATE"  ? 'C9 H14 N3 O7 P'  307.197 
DG 'DNA linking' y "2'-DEOXYGUANOSINE-5'-MONOPHOSPHATE" ? 'C10 H14 N5 O7 P' 347.221 
DT 'DNA linking' y "THYMIDINE-5'-MONOPHOSPHATE"         ? 'C10 H15 N2 O8 P' 322.208 
SR non-polymer   . 'STRONTIUM ION'                      ? 'Sr 2'            87.620  
# 
loop_
_pdbx_poly_seq_scheme.asym_id 
_pdbx_poly_seq_scheme.entity_id 
_pdbx_poly_seq_scheme.seq_id 
_pdbx_poly_seq_scheme.mon_id 
_pdbx_poly_seq_scheme.ndb_seq_num 
_pdbx_poly_seq_scheme.pdb_seq_num 
_pdbx_poly_seq_scheme.auth_seq_num 
_pdbx_poly_seq_scheme.pdb_mon_id 
_pdbx_poly_seq_scheme.auth_mon_id 
_pdbx_poly_seq_scheme.pdb_strand_id 
_pdbx_poly_seq_scheme.pdb_ins_code 
_pdbx_poly_seq_scheme.hetero 
A 1 1  DG 1  1  1  DG DG A . n 
A 1 2  DG 2  2  2  DG DG A . n 
A 1 3  DT 3  3  3  DT DT A . n 
A 1 4  DG 4  4  4  DG DG A . n 
A 1 5  DG 5  5  5  DG DG A . n 
A 1 6  DG 6  6  6  DG DG A . n 
A 1 7  DG 7  7  7  DG DG A . n 
A 1 8  DC 8  8  8  DC DC A . n 
A 1 9  DA 9  9  9  DA DA A . n 
A 1 10 DG 10 10 10 DG DG A . n 
A 1 11 DG 11 11 11 DG DG A . n 
A 1 12 DC 12 12 12 DC DC A . n 
A 1 13 DC 13 13 13 DC DC A . n 
A 1 14 DC 14 14 14 DC DC A . n 
A 1 15 DC 15 15 15 DC DC A . n 
A 1 16 DA 16 16 16 DA DA A . n 
A 1 17 DC 17 17 17 DC DC A . n 
A 1 18 DC 18 18 18 DC DC A . n 
# 
_pdbx_nonpoly_scheme.asym_id         B 
_pdbx_nonpoly_scheme.entity_id       2 
_pdbx_nonpoly_scheme.mon_id          SR 
_pdbx_nonpoly_scheme.ndb_seq_num     1 
_pdbx_nonpoly_scheme.pdb_seq_num     101 
_pdbx_nonpoly_scheme.auth_seq_num    102 
_pdbx_nonpoly_scheme.pdb_mon_id      SR 
_pdbx_nonpoly_scheme.auth_mon_id     SR 
_pdbx_nonpoly_scheme.pdb_strand_id   A 
_pdbx_nonpoly_scheme.pdb_ins_code    . 
# 
loop_
_software.citation_id 
_software.classification 
_software.compiler_name 
_software.compiler_version 
_software.contact_author 
_software.contact_author_email 
_software.date 
_software.description 
_software.dependencies 
_software.hardware 
_software.language 
_software.location 
_software.mods 
_software.name 
_software.os 
_software.os_version 
_software.type 
_software.version 
_software.pdbx_ordinal 
? refinement       ? ? ? ? ? ? ? ? ? ? ? PHENIX  ? ? ? 1.19.2_4158 1 
? 'data reduction' ? ? ? ? ? ? ? ? ? ? ? XDS     ? ? ? .           2 
? 'data scaling'   ? ? ? ? ? ? ? ? ? ? ? Aimless ? ? ? .           3 
? phasing          ? ? ? ? ? ? ? ? ? ? ? PHASER  ? ? ? .           4 
# 
_cell.angle_alpha                  90.000 
_cell.angle_alpha_esd              ? 
_cell.angle_beta                   90.000 
_cell.angle_beta_esd               ? 
_cell.angle_gamma                  90.000 
_cell.angle_gamma_esd              ? 
_cell.entry_id                     7Z82 
_cell.details                      ? 
_cell.formula_units_Z              ? 
_cell.length_a                     38.110 
_cell.length_a_esd                 ? 
_cell.length_b                     38.110 
_cell.length_b_esd                 ? 
_cell.length_c                     87.810 
_cell.length_c_esd                 ? 
_cell.volume                       127532.794 
_cell.volume_esd                   ? 
_cell.Z_PDB                        8 
_cell.reciprocal_angle_alpha       ? 
_cell.reciprocal_angle_beta        ? 
_cell.reciprocal_angle_gamma       ? 
_cell.reciprocal_angle_alpha_esd   ? 
_cell.reciprocal_angle_beta_esd    ? 
_cell.reciprocal_angle_gamma_esd   ? 
_cell.reciprocal_length_a          ? 
_cell.reciprocal_length_b          ? 
_cell.reciprocal_length_c          ? 
_cell.reciprocal_length_a_esd      ? 
_cell.reciprocal_length_b_esd      ? 
_cell.reciprocal_length_c_esd      ? 
_cell.pdbx_unique_axis             ? 
# 
_symmetry.entry_id                         7Z82 
_symmetry.cell_setting                     ? 
_symmetry.Int_Tables_number                96 
_symmetry.space_group_name_Hall            'P 4nw 2abw' 
_symmetry.space_group_name_H-M             'P 43 21 2' 
_symmetry.pdbx_full_space_group_name_H-M   ? 
# 
_exptl.absorpt_coefficient_mu     ? 
_exptl.absorpt_correction_T_max   ? 
_exptl.absorpt_correction_T_min   ? 
_exptl.absorpt_correction_type    ? 
_exptl.absorpt_process_details    ? 
_exptl.entry_id                   7Z82 
_exptl.crystals_number            1 
_exptl.details                    ? 
_exptl.method                     'X-RAY DIFFRACTION' 
_exptl.method_details             ? 
# 
_exptl_crystal.colour                      ? 
_exptl_crystal.density_diffrn              ? 
_exptl_crystal.density_Matthews            2.88 
_exptl_crystal.density_method              ? 
_exptl_crystal.density_percent_sol         57.23 
_exptl_crystal.description                 ? 
_exptl_crystal.F_000                       ? 
_exptl_crystal.id                          1 
_exptl_crystal.preparation                 ? 
_exptl_crystal.size_max                    ? 
_exptl_crystal.size_mid                    ? 
_exptl_crystal.size_min                    ? 
_exptl_crystal.size_rad                    ? 
_exptl_crystal.colour_lustre               ? 
_exptl_crystal.colour_modifier             ? 
_exptl_crystal.colour_primary              ? 
_exptl_crystal.density_meas                ? 
_exptl_crystal.density_meas_esd            ? 
_exptl_crystal.density_meas_gt             ? 
_exptl_crystal.density_meas_lt             ? 
_exptl_crystal.density_meas_temp           ? 
_exptl_crystal.density_meas_temp_esd       ? 
_exptl_crystal.density_meas_temp_gt        ? 
_exptl_crystal.density_meas_temp_lt        ? 
_exptl_crystal.pdbx_crystal_image_url      ? 
_exptl_crystal.pdbx_crystal_image_format   ? 
_exptl_crystal.pdbx_mosaicity              ? 
_exptl_crystal.pdbx_mosaicity_esd          ? 
# 
_exptl_crystal_grow.apparatus       ? 
_exptl_crystal_grow.atmosphere      ? 
_exptl_crystal_grow.crystal_id      1 
_exptl_crystal_grow.details         ? 
_exptl_crystal_grow.method          'VAPOR DIFFUSION, HANGING DROP' 
_exptl_crystal_grow.method_ref      ? 
_exptl_crystal_grow.pH              6.5 
_exptl_crystal_grow.pressure        ? 
_exptl_crystal_grow.pressure_esd    ? 
_exptl_crystal_grow.seeding         ? 
_exptl_crystal_grow.seeding_ref     ? 
_exptl_crystal_grow.temp            293 
_exptl_crystal_grow.temp_details    ? 
_exptl_crystal_grow.temp_esd        ? 
_exptl_crystal_grow.time            ? 
_exptl_crystal_grow.pdbx_details    
;Natrix crystallization screen (Hampton Research)
precipitant 18-22% (+/-)-2-Methyl-2,4-pentanediol
buffer 0.04 M Sodium cacodylate trihydrate
salt 0.04 M Magnezium chloride hexahydrate
0.08 M Strontium chloride hexahydrate
additive 0.012 M spermine tetrahydrochloride
;
_exptl_crystal_grow.pdbx_pH_range   ? 
# 
_diffrn.ambient_environment              ? 
_diffrn.ambient_temp                     100 
_diffrn.ambient_temp_details             ? 
_diffrn.ambient_temp_esd                 ? 
_diffrn.crystal_id                       1 
_diffrn.crystal_support                  ? 
_diffrn.crystal_treatment                ? 
_diffrn.details                          ? 
_diffrn.id                               1 
_diffrn.ambient_pressure                 ? 
_diffrn.ambient_pressure_esd             ? 
_diffrn.ambient_pressure_gt              ? 
_diffrn.ambient_pressure_lt              ? 
_diffrn.ambient_temp_gt                  ? 
_diffrn.ambient_temp_lt                  ? 
_diffrn.pdbx_serial_crystal_experiment   N 
# 
_diffrn_detector.details                      ? 
_diffrn_detector.detector                     PIXEL 
_diffrn_detector.diffrn_id                    1 
_diffrn_detector.type                         'Bruker PHOTON III' 
_diffrn_detector.area_resol_mean              ? 
_diffrn_detector.dtime                        ? 
_diffrn_detector.pdbx_frames_total            ? 
_diffrn_detector.pdbx_collection_time_total   ? 
_diffrn_detector.pdbx_collection_date         2021-06-09 
_diffrn_detector.pdbx_frequency               ? 
# 
_diffrn_radiation.collimation                      ? 
_diffrn_radiation.diffrn_id                        1 
_diffrn_radiation.filter_edge                      ? 
_diffrn_radiation.inhomogeneity                    ? 
_diffrn_radiation.monochromator                    ? 
_diffrn_radiation.polarisn_norm                    ? 
_diffrn_radiation.polarisn_ratio                   ? 
_diffrn_radiation.probe                            ? 
_diffrn_radiation.type                             ? 
_diffrn_radiation.xray_symbol                      ? 
_diffrn_radiation.wavelength_id                    1 
_diffrn_radiation.pdbx_monochromatic_or_laue_m_l   M 
_diffrn_radiation.pdbx_wavelength_list             ? 
_diffrn_radiation.pdbx_wavelength                  ? 
_diffrn_radiation.pdbx_diffrn_protocol             'SINGLE WAVELENGTH' 
_diffrn_radiation.pdbx_analyzer                    ? 
_diffrn_radiation.pdbx_scattering_type             x-ray 
# 
_diffrn_radiation_wavelength.id           1 
_diffrn_radiation_wavelength.wavelength   1.3418 
_diffrn_radiation_wavelength.wt           1.0 
# 
_diffrn_source.current                     ? 
_diffrn_source.details                     ? 
_diffrn_source.diffrn_id                   1 
_diffrn_source.power                       ? 
_diffrn_source.size                        ? 
_diffrn_source.source                      'LIQUID ANODE' 
_diffrn_source.target                      ? 
_diffrn_source.type                        'BRUKER METALJET' 
_diffrn_source.voltage                     ? 
_diffrn_source.take-off_angle              ? 
_diffrn_source.pdbx_wavelength_list        1.3418 
_diffrn_source.pdbx_wavelength             ? 
_diffrn_source.pdbx_synchrotron_beamline   ? 
_diffrn_source.pdbx_synchrotron_site       ? 
# 
_reflns.B_iso_Wilson_estimate                          106.54 
_reflns.entry_id                                       7Z82 
_reflns.data_reduction_details                         ? 
_reflns.data_reduction_method                          ? 
_reflns.d_resolution_high                              2.95 
_reflns.d_resolution_low                               34.96 
_reflns.details                                        ? 
_reflns.limit_h_max                                    ? 
_reflns.limit_h_min                                    ? 
_reflns.limit_k_max                                    ? 
_reflns.limit_k_min                                    ? 
_reflns.limit_l_max                                    ? 
_reflns.limit_l_min                                    ? 
_reflns.number_all                                     ? 
_reflns.number_obs                                     1535 
_reflns.observed_criterion                             ? 
_reflns.observed_criterion_F_max                       ? 
_reflns.observed_criterion_F_min                       ? 
_reflns.observed_criterion_I_max                       ? 
_reflns.observed_criterion_I_min                       ? 
_reflns.observed_criterion_sigma_F                     ? 
_reflns.observed_criterion_sigma_I                     ? 
_reflns.percent_possible_obs                           97.9 
_reflns.R_free_details                                 ? 
_reflns.Rmerge_F_all                                   ? 
_reflns.Rmerge_F_obs                                   ? 
_reflns.Friedel_coverage                               ? 
_reflns.number_gt                                      ? 
_reflns.threshold_expression                           ? 
_reflns.pdbx_redundancy                                31.3 
_reflns.pdbx_Rmerge_I_obs                              0.063 
_reflns.pdbx_Rmerge_I_all                              ? 
_reflns.pdbx_Rsym_value                                ? 
_reflns.pdbx_netI_over_av_sigmaI                       ? 
_reflns.pdbx_netI_over_sigmaI                          35.8 
_reflns.pdbx_res_netI_over_av_sigmaI_2                 ? 
_reflns.pdbx_res_netI_over_sigmaI_2                    ? 
_reflns.pdbx_chi_squared                               1.05 
_reflns.pdbx_scaling_rejects                           ? 
_reflns.pdbx_d_res_high_opt                            ? 
_reflns.pdbx_d_res_low_opt                             ? 
_reflns.pdbx_d_res_opt_method                          ? 
_reflns.phase_calculation_details                      ? 
_reflns.pdbx_Rrim_I_all                                0.065 
_reflns.pdbx_Rpim_I_all                                0.014 
_reflns.pdbx_d_opt                                     ? 
_reflns.pdbx_number_measured_all                       ? 
_reflns.pdbx_diffrn_id                                 1 
_reflns.pdbx_ordinal                                   1 
_reflns.pdbx_CC_half                                   0.999 
_reflns.pdbx_CC_star                                   ? 
_reflns.pdbx_R_split                                   ? 
_reflns.pdbx_aniso_diffraction_limit_axis_1_ortho[1]   ? 
_reflns.pdbx_aniso_diffraction_limit_axis_1_ortho[2]   ? 
_reflns.pdbx_aniso_diffraction_limit_axis_1_ortho[3]   ? 
_reflns.pdbx_aniso_diffraction_limit_axis_2_ortho[1]   ? 
_reflns.pdbx_aniso_diffraction_limit_axis_2_ortho[2]   ? 
_reflns.pdbx_aniso_diffraction_limit_axis_2_ortho[3]   ? 
_reflns.pdbx_aniso_diffraction_limit_axis_3_ortho[1]   ? 
_reflns.pdbx_aniso_diffraction_limit_axis_3_ortho[2]   ? 
_reflns.pdbx_aniso_diffraction_limit_axis_3_ortho[3]   ? 
_reflns.pdbx_aniso_diffraction_limit_1                 ? 
_reflns.pdbx_aniso_diffraction_limit_2                 ? 
_reflns.pdbx_aniso_diffraction_limit_3                 ? 
_reflns.pdbx_aniso_B_tensor_eigenvector_1_ortho[1]     ? 
_reflns.pdbx_aniso_B_tensor_eigenvector_1_ortho[2]     ? 
_reflns.pdbx_aniso_B_tensor_eigenvector_1_ortho[3]     ? 
_reflns.pdbx_aniso_B_tensor_eigenvector_2_ortho[1]     ? 
_reflns.pdbx_aniso_B_tensor_eigenvector_2_ortho[2]     ? 
_reflns.pdbx_aniso_B_tensor_eigenvector_2_ortho[3]     ? 
_reflns.pdbx_aniso_B_tensor_eigenvector_3_ortho[1]     ? 
_reflns.pdbx_aniso_B_tensor_eigenvector_3_ortho[2]     ? 
_reflns.pdbx_aniso_B_tensor_eigenvector_3_ortho[3]     ? 
_reflns.pdbx_aniso_B_tensor_eigenvalue_1               ? 
_reflns.pdbx_aniso_B_tensor_eigenvalue_2               ? 
_reflns.pdbx_aniso_B_tensor_eigenvalue_3               ? 
_reflns.pdbx_orthogonalization_convention              ? 
_reflns.pdbx_percent_possible_ellipsoidal              ? 
_reflns.pdbx_percent_possible_spherical                ? 
_reflns.pdbx_percent_possible_ellipsoidal_anomalous    ? 
_reflns.pdbx_percent_possible_spherical_anomalous      ? 
_reflns.pdbx_redundancy_anomalous                      ? 
_reflns.pdbx_CC_half_anomalous                         ? 
_reflns.pdbx_absDiff_over_sigma_anomalous              ? 
_reflns.pdbx_percent_possible_anomalous                ? 
_reflns.pdbx_observed_signal_threshold                 ? 
_reflns.pdbx_signal_type                               ? 
_reflns.pdbx_signal_details                            ? 
_reflns.pdbx_signal_software_id                        ? 
# 
_reflns_shell.d_res_high                                    2.95 
_reflns_shell.d_res_low                                     3.19 
_reflns_shell.meanI_over_sigI_all                           ? 
_reflns_shell.meanI_over_sigI_obs                           4.1 
_reflns_shell.number_measured_all                           ? 
_reflns_shell.number_measured_obs                           ? 
_reflns_shell.number_possible                               ? 
_reflns_shell.number_unique_all                             ? 
_reflns_shell.number_unique_obs                             291 
_reflns_shell.percent_possible_all                          93.6 
_reflns_shell.percent_possible_obs                          ? 
_reflns_shell.Rmerge_F_all                                  ? 
_reflns_shell.Rmerge_F_obs                                  ? 
_reflns_shell.Rmerge_I_all                                  ? 
_reflns_shell.Rmerge_I_obs                                  0.998 
_reflns_shell.meanI_over_sigI_gt                            ? 
_reflns_shell.meanI_over_uI_all                             ? 
_reflns_shell.meanI_over_uI_gt                              ? 
_reflns_shell.number_measured_gt                            ? 
_reflns_shell.number_unique_gt                              ? 
_reflns_shell.percent_possible_gt                           ? 
_reflns_shell.Rmerge_F_gt                                   ? 
_reflns_shell.Rmerge_I_gt                                   ? 
_reflns_shell.pdbx_redundancy                               ? 
_reflns_shell.pdbx_Rsym_value                               ? 
_reflns_shell.pdbx_chi_squared                              0.97 
_reflns_shell.pdbx_netI_over_sigmaI_all                     ? 
_reflns_shell.pdbx_netI_over_sigmaI_obs                     ? 
_reflns_shell.pdbx_Rrim_I_all                               1.016 
_reflns_shell.pdbx_Rpim_I_all                               0.184 
_reflns_shell.pdbx_rejects                                  ? 
_reflns_shell.pdbx_ordinal                                  1 
_reflns_shell.pdbx_diffrn_id                                1 
_reflns_shell.pdbx_CC_half                                  0.962 
_reflns_shell.pdbx_CC_star                                  ? 
_reflns_shell.pdbx_R_split                                  ? 
_reflns_shell.pdbx_percent_possible_ellipsoidal             ? 
_reflns_shell.pdbx_percent_possible_spherical               ? 
_reflns_shell.pdbx_percent_possible_ellipsoidal_anomalous   ? 
_reflns_shell.pdbx_percent_possible_spherical_anomalous     ? 
_reflns_shell.pdbx_redundancy_anomalous                     ? 
_reflns_shell.pdbx_CC_half_anomalous                        ? 
_reflns_shell.pdbx_absDiff_over_sigma_anomalous             ? 
_reflns_shell.pdbx_percent_possible_anomalous               ? 
# 
_refine.aniso_B[1][1]                            ? 
_refine.aniso_B[1][2]                            ? 
_refine.aniso_B[1][3]                            ? 
_refine.aniso_B[2][2]                            ? 
_refine.aniso_B[2][3]                            ? 
_refine.aniso_B[3][3]                            ? 
_refine.B_iso_max                                ? 
_refine.B_iso_mean                               117.82 
_refine.B_iso_min                                ? 
_refine.correlation_coeff_Fo_to_Fc               ? 
_refine.correlation_coeff_Fo_to_Fc_free          ? 
_refine.details                                  ? 
_refine.diff_density_max                         ? 
_refine.diff_density_max_esd                     ? 
_refine.diff_density_min                         ? 
_refine.diff_density_min_esd                     ? 
_refine.diff_density_rms                         ? 
_refine.diff_density_rms_esd                     ? 
_refine.entry_id                                 7Z82 
_refine.pdbx_refine_id                           'X-RAY DIFFRACTION' 
_refine.ls_abs_structure_details                 ? 
_refine.ls_abs_structure_Flack                   ? 
_refine.ls_abs_structure_Flack_esd               ? 
_refine.ls_abs_structure_Rogers                  ? 
_refine.ls_abs_structure_Rogers_esd              ? 
_refine.ls_d_res_high                            3.20 
_refine.ls_d_res_low                             34.96 
_refine.ls_extinction_coef                       ? 
_refine.ls_extinction_coef_esd                   ? 
_refine.ls_extinction_expression                 ? 
_refine.ls_extinction_method                     ? 
_refine.ls_goodness_of_fit_all                   ? 
_refine.ls_goodness_of_fit_all_esd               ? 
_refine.ls_goodness_of_fit_obs                   ? 
_refine.ls_goodness_of_fit_obs_esd               ? 
_refine.ls_hydrogen_treatment                    ? 
_refine.ls_matrix_type                           ? 
_refine.ls_number_constraints                    ? 
_refine.ls_number_parameters                     ? 
_refine.ls_number_reflns_all                     ? 
_refine.ls_number_reflns_obs                     1230 
_refine.ls_number_reflns_R_free                  51 
_refine.ls_number_reflns_R_work                  0 
_refine.ls_number_restraints                     ? 
_refine.ls_percent_reflns_obs                    98.40 
_refine.ls_percent_reflns_R_free                 4.1 
_refine.ls_R_factor_all                          ? 
_refine.ls_R_factor_obs                          0.2993 
_refine.ls_R_factor_R_free                       0.3224 
_refine.ls_R_factor_R_free_error                 ? 
_refine.ls_R_factor_R_free_error_details         ? 
_refine.ls_R_factor_R_work                       0.2976 
_refine.ls_R_Fsqd_factor_obs                     ? 
_refine.ls_R_I_factor_obs                        ? 
_refine.ls_redundancy_reflns_all                 ? 
_refine.ls_redundancy_reflns_obs                 ? 
_refine.ls_restrained_S_all                      ? 
_refine.ls_restrained_S_obs                      ? 
_refine.ls_shift_over_esd_max                    ? 
_refine.ls_shift_over_esd_mean                   ? 
_refine.ls_structure_factor_coef                 ? 
_refine.ls_weighting_details                     ? 
_refine.ls_weighting_scheme                      ? 
_refine.ls_wR_factor_all                         ? 
_refine.ls_wR_factor_obs                         ? 
_refine.ls_wR_factor_R_free                      ? 
_refine.ls_wR_factor_R_work                      ? 
_refine.occupancy_max                            ? 
_refine.occupancy_min                            ? 
_refine.solvent_model_details                    'FLAT BULK SOLVENT MODEL' 
_refine.solvent_model_param_bsol                 ? 
_refine.solvent_model_param_ksol                 ? 
_refine.pdbx_R_complete                          ? 
_refine.ls_R_factor_gt                           ? 
_refine.ls_goodness_of_fit_gt                    ? 
_refine.ls_goodness_of_fit_ref                   ? 
_refine.ls_shift_over_su_max                     ? 
_refine.ls_shift_over_su_max_lt                  ? 
_refine.ls_shift_over_su_mean                    ? 
_refine.ls_shift_over_su_mean_lt                 ? 
_refine.pdbx_ls_sigma_I                          ? 
_refine.pdbx_ls_sigma_F                          1.34 
_refine.pdbx_ls_sigma_Fsqd                       ? 
_refine.pdbx_data_cutoff_high_absF               ? 
_refine.pdbx_data_cutoff_high_rms_absF           ? 
_refine.pdbx_data_cutoff_low_absF                ? 
_refine.pdbx_isotropic_thermal_model             ? 
_refine.pdbx_ls_cross_valid_method               'FREE R-VALUE' 
_refine.pdbx_method_to_determine_struct          'MOLECULAR REPLACEMENT' 
_refine.pdbx_starting_model                      6ROS 
_refine.pdbx_stereochemistry_target_values       'GeoStd + Monomer Library + CDL v1.2' 
_refine.pdbx_R_Free_selection_details            Random 
_refine.pdbx_stereochem_target_val_spec_case     ? 
_refine.pdbx_overall_ESU_R                       ? 
_refine.pdbx_overall_ESU_R_Free                  ? 
_refine.pdbx_solvent_vdw_probe_radii             1.1100 
_refine.pdbx_solvent_ion_probe_radii             ? 
_refine.pdbx_solvent_shrinkage_radii             0.9000 
_refine.pdbx_real_space_R                        ? 
_refine.pdbx_density_correlation                 ? 
_refine.pdbx_pd_number_of_powder_patterns        ? 
_refine.pdbx_pd_number_of_points                 ? 
_refine.pdbx_pd_meas_number_of_points            ? 
_refine.pdbx_pd_proc_ls_prof_R_factor            ? 
_refine.pdbx_pd_proc_ls_prof_wR_factor           ? 
_refine.pdbx_pd_Marquardt_correlation_coeff      ? 
_refine.pdbx_pd_Fsqrd_R_factor                   ? 
_refine.pdbx_pd_ls_matrix_band_width             ? 
_refine.pdbx_overall_phase_error                 31.9057 
_refine.pdbx_overall_SU_R_free_Cruickshank_DPI   ? 
_refine.pdbx_overall_SU_R_free_Blow_DPI          ? 
_refine.pdbx_overall_SU_R_Blow_DPI               ? 
_refine.pdbx_TLS_residual_ADP_flag               ? 
_refine.pdbx_diffrn_id                           1 
_refine.overall_SU_B                             ? 
_refine.overall_SU_ML                            0.4007 
_refine.overall_SU_R_Cruickshank_DPI             ? 
_refine.overall_SU_R_free                        ? 
_refine.overall_FOM_free_R_set                   ? 
_refine.overall_FOM_work_R_set                   ? 
_refine.pdbx_average_fsc_overall                 ? 
_refine.pdbx_average_fsc_work                    ? 
_refine.pdbx_average_fsc_free                    ? 
# 
_refine_hist.pdbx_refine_id                   'X-RAY DIFFRACTION' 
_refine_hist.cycle_id                         LAST 
_refine_hist.details                          ? 
_refine_hist.d_res_high                       3.20 
_refine_hist.d_res_low                        34.96 
_refine_hist.number_atoms_solvent             0 
_refine_hist.number_atoms_total               369 
_refine_hist.number_reflns_all                ? 
_refine_hist.number_reflns_obs                ? 
_refine_hist.number_reflns_R_free             ? 
_refine_hist.number_reflns_R_work             ? 
_refine_hist.R_factor_all                     ? 
_refine_hist.R_factor_obs                     ? 
_refine_hist.R_factor_R_free                  ? 
_refine_hist.R_factor_R_work                  ? 
_refine_hist.pdbx_number_residues_total       ? 
_refine_hist.pdbx_B_iso_mean_ligand           ? 
_refine_hist.pdbx_B_iso_mean_solvent          ? 
_refine_hist.pdbx_number_atoms_protein        0 
_refine_hist.pdbx_number_atoms_nucleic_acid   368 
_refine_hist.pdbx_number_atoms_ligand         1 
_refine_hist.pdbx_number_atoms_lipid          ? 
_refine_hist.pdbx_number_atoms_carb           ? 
_refine_hist.pdbx_pseudo_atom_details         ? 
# 
loop_
_refine_ls_restr.pdbx_refine_id 
_refine_ls_restr.criterion 
_refine_ls_restr.dev_ideal 
_refine_ls_restr.dev_ideal_target 
_refine_ls_restr.number 
_refine_ls_restr.rejects 
_refine_ls_restr.type 
_refine_ls_restr.weight 
_refine_ls_restr.pdbx_restraint_function 
'X-RAY DIFFRACTION' ? 0.0109  ? 413 ? f_bond_d           ? ? 
'X-RAY DIFFRACTION' ? 1.2763  ? 636 ? f_angle_d          ? ? 
'X-RAY DIFFRACTION' ? 0.0982  ? 71  ? f_chiral_restr     ? ? 
'X-RAY DIFFRACTION' ? 0.0060  ? 18  ? f_plane_restr      ? ? 
'X-RAY DIFFRACTION' ? 20.9501 ? 176 ? f_dihedral_angle_d ? ? 
# 
_refine_ls_shell.pdbx_refine_id                   'X-RAY DIFFRACTION' 
_refine_ls_shell.d_res_high                       3.20 
_refine_ls_shell.d_res_low                        3.31 
_refine_ls_shell.number_reflns_all                ? 
_refine_ls_shell.number_reflns_obs                ? 
_refine_ls_shell.number_reflns_R_free             11 
_refine_ls_shell.number_reflns_R_work             102 
_refine_ls_shell.percent_reflns_obs               100.00 
_refine_ls_shell.percent_reflns_R_free            9.7 
_refine_ls_shell.R_factor_all                     ? 
_refine_ls_shell.R_factor_obs                     ? 
_refine_ls_shell.R_factor_R_free                  0.4498 
_refine_ls_shell.R_factor_R_free_error            ? 
_refine_ls_shell.R_factor_R_work                  0.3446 
_refine_ls_shell.redundancy_reflns_all            ? 
_refine_ls_shell.redundancy_reflns_obs            ? 
_refine_ls_shell.wR_factor_all                    ? 
_refine_ls_shell.wR_factor_obs                    ? 
_refine_ls_shell.wR_factor_R_free                 ? 
_refine_ls_shell.wR_factor_R_work                 ? 
_refine_ls_shell.pdbx_R_complete                  ? 
_refine_ls_shell.pdbx_total_number_of_bins_used   ? 
_refine_ls_shell.pdbx_phase_error                 ? 
_refine_ls_shell.pdbx_fsc_work                    ? 
_refine_ls_shell.pdbx_fsc_free                    ? 
# 
_struct.entry_id                     7Z82 
_struct.title                        'REP-related Chom18 variant with double AG mismatch' 
_struct.pdbx_model_details           ? 
_struct.pdbx_formula_weight          ? 
_struct.pdbx_formula_weight_method   ? 
_struct.pdbx_model_type_details      ? 
_struct.pdbx_CASP_flag               N 
# 
_struct_keywords.entry_id        7Z82 
_struct_keywords.text            'Mismatch, Non-canonical, Base pair, Double helix, DNA' 
_struct_keywords.pdbx_keywords   DNA 
# 
loop_
_struct_asym.id 
_struct_asym.pdbx_blank_PDB_chainid_flag 
_struct_asym.pdbx_modified 
_struct_asym.entity_id 
_struct_asym.details 
A N N 1 ? 
B N N 2 ? 
# 
_struct_ref.id                         1 
_struct_ref.db_name                    PDB 
_struct_ref.db_code                    7Z82 
_struct_ref.pdbx_db_accession          7Z82 
_struct_ref.pdbx_db_isoform            ? 
_struct_ref.entity_id                  1 
_struct_ref.pdbx_seq_one_letter_code   ? 
_struct_ref.pdbx_align_begin           1 
# 
_struct_ref_seq.align_id                      1 
_struct_ref_seq.ref_id                        1 
_struct_ref_seq.pdbx_PDB_id_code              7Z82 
_struct_ref_seq.pdbx_strand_id                A 
_struct_ref_seq.seq_align_beg                 1 
_struct_ref_seq.pdbx_seq_align_beg_ins_code   ? 
_struct_ref_seq.seq_align_end                 18 
_struct_ref_seq.pdbx_seq_align_end_ins_code   ? 
_struct_ref_seq.pdbx_db_accession             7Z82 
_struct_ref_seq.db_align_beg                  1 
_struct_ref_seq.pdbx_db_align_beg_ins_code    ? 
_struct_ref_seq.db_align_end                  18 
_struct_ref_seq.pdbx_db_align_end_ins_code    ? 
_struct_ref_seq.pdbx_auth_seq_align_beg       1 
_struct_ref_seq.pdbx_auth_seq_align_end       18 
# 
_pdbx_struct_assembly.id                   1 
_pdbx_struct_assembly.details              author_and_software_defined_assembly 
_pdbx_struct_assembly.method_details       PISA 
_pdbx_struct_assembly.oligomeric_details   dimeric 
_pdbx_struct_assembly.oligomeric_count     2 
# 
loop_
_pdbx_struct_assembly_prop.biol_id 
_pdbx_struct_assembly_prop.type 
_pdbx_struct_assembly_prop.value 
_pdbx_struct_assembly_prop.details 
1 'ABSA (A^2)' 2050 ? 
1 MORE         -52  ? 
1 'SSA (A^2)'  6480 ? 
# 
_pdbx_struct_assembly_gen.assembly_id       1 
_pdbx_struct_assembly_gen.oper_expression   1,2 
_pdbx_struct_assembly_gen.asym_id_list      A,B 
# 
_pdbx_struct_assembly_auth_evidence.id                     1 
_pdbx_struct_assembly_auth_evidence.assembly_id            1 
_pdbx_struct_assembly_auth_evidence.experimental_support   none 
_pdbx_struct_assembly_auth_evidence.details                ? 
# 
loop_
_pdbx_struct_oper_list.id 
_pdbx_struct_oper_list.type 
_pdbx_struct_oper_list.name 
_pdbx_struct_oper_list.symmetry_operation 
_pdbx_struct_oper_list.matrix[1][1] 
_pdbx_struct_oper_list.matrix[1][2] 
_pdbx_struct_oper_list.matrix[1][3] 
_pdbx_struct_oper_list.vector[1] 
_pdbx_struct_oper_list.matrix[2][1] 
_pdbx_struct_oper_list.matrix[2][2] 
_pdbx_struct_oper_list.matrix[2][3] 
_pdbx_struct_oper_list.vector[2] 
_pdbx_struct_oper_list.matrix[3][1] 
_pdbx_struct_oper_list.matrix[3][2] 
_pdbx_struct_oper_list.matrix[3][3] 
_pdbx_struct_oper_list.vector[3] 
1 'identity operation'         1_555 x,y,z      1.0000000000  0.0000000000 0.0000000000 0.0000000000 0.0000000000 1.0000000000 0.0000000000 0.0000000000  0.0000000000 0.0000000000 1.0000000000  0.0000000000  
2 'crystal symmetry operation' 7_465 y-1,x+1,-z -0.4999594330 0.7099002333 0.4960667537 2.8440110214 0.7099002333 0.0078349127 0.7042586690 -1.4807960554 0.4960667537 0.7042586690 -0.5078754798 -0.7476885233 
# 
loop_
_struct_conn.id 
_struct_conn.conn_type_id 
_struct_conn.pdbx_leaving_atom_flag 
_struct_conn.pdbx_PDB_id 
_struct_conn.ptnr1_label_asym_id 
_struct_conn.ptnr1_label_comp_id 
_struct_conn.ptnr1_label_seq_id 
_struct_conn.ptnr1_label_atom_id 
_struct_conn.pdbx_ptnr1_label_alt_id 
_struct_conn.pdbx_ptnr1_PDB_ins_code 
_struct_conn.pdbx_ptnr1_standard_comp_id 
_struct_conn.ptnr1_symmetry 
_struct_conn.ptnr2_label_asym_id 
_struct_conn.ptnr2_label_comp_id 
_struct_conn.ptnr2_label_seq_id 
_struct_conn.ptnr2_label_atom_id 
_struct_conn.pdbx_ptnr2_label_alt_id 
_struct_conn.pdbx_ptnr2_PDB_ins_code 
_struct_conn.ptnr1_auth_asym_id 
_struct_conn.ptnr1_auth_comp_id 
_struct_conn.ptnr1_auth_seq_id 
_struct_conn.ptnr2_auth_asym_id 
_struct_conn.ptnr2_auth_comp_id 
_struct_conn.ptnr2_auth_seq_id 
_struct_conn.ptnr2_symmetry 
_struct_conn.pdbx_ptnr3_label_atom_id 
_struct_conn.pdbx_ptnr3_label_seq_id 
_struct_conn.pdbx_ptnr3_label_comp_id 
_struct_conn.pdbx_ptnr3_label_asym_id 
_struct_conn.pdbx_ptnr3_label_alt_id 
_struct_conn.pdbx_ptnr3_PDB_ins_code 
_struct_conn.details 
_struct_conn.pdbx_dist_value 
_struct_conn.pdbx_value_order 
_struct_conn.pdbx_role 
hydrog1  hydrog ? ? A DG 1  N1 ? ? ? 1_555 A DC 18 N3 ? ? A DG 1  A DC 18 7_465 ? ? ? ? ? ? WATSON-CRICK ? ? ? 
hydrog2  hydrog ? ? A DG 1  N2 ? ? ? 1_555 A DC 18 O2 ? ? A DG 1  A DC 18 7_465 ? ? ? ? ? ? WATSON-CRICK ? ? ? 
hydrog3  hydrog ? ? A DG 1  O6 ? ? ? 1_555 A DC 18 N4 ? ? A DG 1  A DC 18 7_465 ? ? ? ? ? ? WATSON-CRICK ? ? ? 
hydrog4  hydrog ? ? A DG 2  N1 ? ? ? 1_555 A DC 17 N3 ? ? A DG 2  A DC 17 7_465 ? ? ? ? ? ? WATSON-CRICK ? ? ? 
hydrog5  hydrog ? ? A DG 2  N2 ? ? ? 1_555 A DC 17 O2 ? ? A DG 2  A DC 17 7_465 ? ? ? ? ? ? WATSON-CRICK ? ? ? 
hydrog6  hydrog ? ? A DG 2  O6 ? ? ? 1_555 A DC 17 N4 ? ? A DG 2  A DC 17 7_465 ? ? ? ? ? ? WATSON-CRICK ? ? ? 
hydrog7  hydrog ? ? A DT 3  N3 ? ? ? 1_555 A DA 16 N1 ? ? A DT 3  A DA 16 7_465 ? ? ? ? ? ? WATSON-CRICK ? ? ? 
hydrog8  hydrog ? ? A DT 3  O4 ? ? ? 1_555 A DA 16 N6 ? ? A DT 3  A DA 16 7_465 ? ? ? ? ? ? WATSON-CRICK ? ? ? 
hydrog9  hydrog ? ? A DG 4  N1 ? ? ? 1_555 A DC 15 N3 ? ? A DG 4  A DC 15 7_465 ? ? ? ? ? ? WATSON-CRICK ? ? ? 
hydrog10 hydrog ? ? A DG 4  N2 ? ? ? 1_555 A DC 15 O2 ? ? A DG 4  A DC 15 7_465 ? ? ? ? ? ? WATSON-CRICK ? ? ? 
hydrog11 hydrog ? ? A DG 4  O6 ? ? ? 1_555 A DC 15 N4 ? ? A DG 4  A DC 15 7_465 ? ? ? ? ? ? WATSON-CRICK ? ? ? 
hydrog12 hydrog ? ? A DG 5  N1 ? ? ? 1_555 A DC 14 N3 ? ? A DG 5  A DC 14 7_465 ? ? ? ? ? ? WATSON-CRICK ? ? ? 
hydrog13 hydrog ? ? A DG 5  N2 ? ? ? 1_555 A DC 14 O2 ? ? A DG 5  A DC 14 7_465 ? ? ? ? ? ? WATSON-CRICK ? ? ? 
hydrog14 hydrog ? ? A DG 5  O6 ? ? ? 1_555 A DC 14 N4 ? ? A DG 5  A DC 14 7_465 ? ? ? ? ? ? WATSON-CRICK ? ? ? 
hydrog15 hydrog ? ? A DG 6  N1 ? ? ? 1_555 A DC 13 N3 ? ? A DG 6  A DC 13 7_465 ? ? ? ? ? ? WATSON-CRICK ? ? ? 
hydrog16 hydrog ? ? A DG 6  N2 ? ? ? 1_555 A DC 13 O2 ? ? A DG 6  A DC 13 7_465 ? ? ? ? ? ? WATSON-CRICK ? ? ? 
hydrog17 hydrog ? ? A DG 6  O6 ? ? ? 1_555 A DC 13 N4 ? ? A DG 6  A DC 13 7_465 ? ? ? ? ? ? WATSON-CRICK ? ? ? 
hydrog18 hydrog ? ? A DG 7  N1 ? ? ? 1_555 A DC 12 N3 ? ? A DG 7  A DC 12 7_465 ? ? ? ? ? ? WATSON-CRICK ? ? ? 
hydrog19 hydrog ? ? A DG 7  N2 ? ? ? 1_555 A DC 12 O2 ? ? A DG 7  A DC 12 7_465 ? ? ? ? ? ? WATSON-CRICK ? ? ? 
hydrog20 hydrog ? ? A DG 7  O6 ? ? ? 1_555 A DC 12 N4 ? ? A DG 7  A DC 12 7_465 ? ? ? ? ? ? WATSON-CRICK ? ? ? 
hydrog21 hydrog ? ? A DC 8  N3 ? ? ? 1_555 A DG 11 N1 ? ? A DC 8  A DG 11 7_465 ? ? ? ? ? ? WATSON-CRICK ? ? ? 
hydrog22 hydrog ? ? A DC 8  N4 ? ? ? 1_555 A DG 11 O6 ? ? A DC 8  A DG 11 7_465 ? ? ? ? ? ? WATSON-CRICK ? ? ? 
hydrog23 hydrog ? ? A DC 8  O2 ? ? ? 1_555 A DG 11 N2 ? ? A DC 8  A DG 11 7_465 ? ? ? ? ? ? WATSON-CRICK ? ? ? 
hydrog24 hydrog ? ? A DA 9  N1 ? ? ? 1_555 A DG 10 N1 ? ? A DA 9  A DG 10 7_465 ? ? ? ? ? ? TYPE_8_PAIR  ? ? ? 
hydrog25 hydrog ? ? A DA 9  N6 ? ? ? 1_555 A DG 10 O6 ? ? A DA 9  A DG 10 7_465 ? ? ? ? ? ? TYPE_8_PAIR  ? ? ? 
hydrog26 hydrog ? ? A DG 10 N1 ? ? ? 1_555 A DA 9  N1 ? ? A DG 10 A DA 9  7_465 ? ? ? ? ? ? TYPE_8_PAIR  ? ? ? 
hydrog27 hydrog ? ? A DG 10 O6 ? ? ? 1_555 A DA 9  N6 ? ? A DG 10 A DA 9  7_465 ? ? ? ? ? ? TYPE_8_PAIR  ? ? ? 
hydrog28 hydrog ? ? A DG 11 N1 ? ? ? 1_555 A DC 8  N3 ? ? A DG 11 A DC 8  7_465 ? ? ? ? ? ? WATSON-CRICK ? ? ? 
hydrog29 hydrog ? ? A DG 11 N2 ? ? ? 1_555 A DC 8  O2 ? ? A DG 11 A DC 8  7_465 ? ? ? ? ? ? WATSON-CRICK ? ? ? 
hydrog30 hydrog ? ? A DG 11 O6 ? ? ? 1_555 A DC 8  N4 ? ? A DG 11 A DC 8  7_465 ? ? ? ? ? ? WATSON-CRICK ? ? ? 
hydrog31 hydrog ? ? A DC 12 N3 ? ? ? 1_555 A DG 7  N1 ? ? A DC 12 A DG 7  7_465 ? ? ? ? ? ? WATSON-CRICK ? ? ? 
hydrog32 hydrog ? ? A DC 12 N4 ? ? ? 1_555 A DG 7  O6 ? ? A DC 12 A DG 7  7_465 ? ? ? ? ? ? WATSON-CRICK ? ? ? 
hydrog33 hydrog ? ? A DC 12 O2 ? ? ? 1_555 A DG 7  N2 ? ? A DC 12 A DG 7  7_465 ? ? ? ? ? ? WATSON-CRICK ? ? ? 
hydrog34 hydrog ? ? A DC 13 N3 ? ? ? 1_555 A DG 6  N1 ? ? A DC 13 A DG 6  7_465 ? ? ? ? ? ? WATSON-CRICK ? ? ? 
hydrog35 hydrog ? ? A DC 13 N4 ? ? ? 1_555 A DG 6  O6 ? ? A DC 13 A DG 6  7_465 ? ? ? ? ? ? WATSON-CRICK ? ? ? 
hydrog36 hydrog ? ? A DC 13 O2 ? ? ? 1_555 A DG 6  N2 ? ? A DC 13 A DG 6  7_465 ? ? ? ? ? ? WATSON-CRICK ? ? ? 
hydrog37 hydrog ? ? A DC 14 N3 ? ? ? 1_555 A DG 5  N1 ? ? A DC 14 A DG 5  7_465 ? ? ? ? ? ? WATSON-CRICK ? ? ? 
hydrog38 hydrog ? ? A DC 14 N4 ? ? ? 1_555 A DG 5  O6 ? ? A DC 14 A DG 5  7_465 ? ? ? ? ? ? WATSON-CRICK ? ? ? 
hydrog39 hydrog ? ? A DC 14 O2 ? ? ? 1_555 A DG 5  N2 ? ? A DC 14 A DG 5  7_465 ? ? ? ? ? ? WATSON-CRICK ? ? ? 
hydrog40 hydrog ? ? A DC 15 N3 ? ? ? 1_555 A DG 4  N1 ? ? A DC 15 A DG 4  7_465 ? ? ? ? ? ? WATSON-CRICK ? ? ? 
hydrog41 hydrog ? ? A DC 15 N4 ? ? ? 1_555 A DG 4  O6 ? ? A DC 15 A DG 4  7_465 ? ? ? ? ? ? WATSON-CRICK ? ? ? 
hydrog42 hydrog ? ? A DC 15 O2 ? ? ? 1_555 A DG 4  N2 ? ? A DC 15 A DG 4  7_465 ? ? ? ? ? ? WATSON-CRICK ? ? ? 
hydrog43 hydrog ? ? A DA 16 N1 ? ? ? 1_555 A DT 3  N3 ? ? A DA 16 A DT 3  7_465 ? ? ? ? ? ? WATSON-CRICK ? ? ? 
hydrog44 hydrog ? ? A DA 16 N6 ? ? ? 1_555 A DT 3  O4 ? ? A DA 16 A DT 3  7_465 ? ? ? ? ? ? WATSON-CRICK ? ? ? 
hydrog45 hydrog ? ? A DC 17 N3 ? ? ? 1_555 A DG 2  N1 ? ? A DC 17 A DG 2  7_465 ? ? ? ? ? ? WATSON-CRICK ? ? ? 
hydrog46 hydrog ? ? A DC 17 N4 ? ? ? 1_555 A DG 2  O6 ? ? A DC 17 A DG 2  7_465 ? ? ? ? ? ? WATSON-CRICK ? ? ? 
hydrog47 hydrog ? ? A DC 17 O2 ? ? ? 1_555 A DG 2  N2 ? ? A DC 17 A DG 2  7_465 ? ? ? ? ? ? WATSON-CRICK ? ? ? 
hydrog48 hydrog ? ? A DC 18 N3 ? ? ? 1_555 A DG 1  N1 ? ? A DC 18 A DG 1  7_465 ? ? ? ? ? ? WATSON-CRICK ? ? ? 
hydrog49 hydrog ? ? A DC 18 N4 ? ? ? 1_555 A DG 1  O6 ? ? A DC 18 A DG 1  7_465 ? ? ? ? ? ? WATSON-CRICK ? ? ? 
hydrog50 hydrog ? ? A DC 18 O2 ? ? ? 1_555 A DG 1  N2 ? ? A DC 18 A DG 1  7_465 ? ? ? ? ? ? WATSON-CRICK ? ? ? 
# 
_struct_conn_type.id          hydrog 
_struct_conn_type.criteria    ? 
_struct_conn_type.reference   ? 
# 
loop_
_pdbx_validate_rmsd_bond.id 
_pdbx_validate_rmsd_bond.PDB_model_num 
_pdbx_validate_rmsd_bond.auth_atom_id_1 
_pdbx_validate_rmsd_bond.auth_asym_id_1 
_pdbx_validate_rmsd_bond.auth_comp_id_1 
_pdbx_validate_rmsd_bond.auth_seq_id_1 
_pdbx_validate_rmsd_bond.PDB_ins_code_1 
_pdbx_validate_rmsd_bond.label_alt_id_1 
_pdbx_validate_rmsd_bond.auth_atom_id_2 
_pdbx_validate_rmsd_bond.auth_asym_id_2 
_pdbx_validate_rmsd_bond.auth_comp_id_2 
_pdbx_validate_rmsd_bond.auth_seq_id_2 
_pdbx_validate_rmsd_bond.PDB_ins_code_2 
_pdbx_validate_rmsd_bond.label_alt_id_2 
_pdbx_validate_rmsd_bond.bond_value 
_pdbx_validate_rmsd_bond.bond_target_value 
_pdbx_validate_rmsd_bond.bond_deviation 
_pdbx_validate_rmsd_bond.bond_standard_deviation 
_pdbx_validate_rmsd_bond.linker_flag 
1 1 "O3'" A DA 9  ? ? "C3'" A DA 9  ? ? 1.381 1.419 -0.038 0.006 N 
2 1 "O3'" A DA 16 ? ? "C3'" A DA 16 ? ? 1.332 1.419 -0.087 0.006 N 
# 
loop_
_pdbx_validate_rmsd_angle.id 
_pdbx_validate_rmsd_angle.PDB_model_num 
_pdbx_validate_rmsd_angle.auth_atom_id_1 
_pdbx_validate_rmsd_angle.auth_asym_id_1 
_pdbx_validate_rmsd_angle.auth_comp_id_1 
_pdbx_validate_rmsd_angle.auth_seq_id_1 
_pdbx_validate_rmsd_angle.PDB_ins_code_1 
_pdbx_validate_rmsd_angle.label_alt_id_1 
_pdbx_validate_rmsd_angle.auth_atom_id_2 
_pdbx_validate_rmsd_angle.auth_asym_id_2 
_pdbx_validate_rmsd_angle.auth_comp_id_2 
_pdbx_validate_rmsd_angle.auth_seq_id_2 
_pdbx_validate_rmsd_angle.PDB_ins_code_2 
_pdbx_validate_rmsd_angle.label_alt_id_2 
_pdbx_validate_rmsd_angle.auth_atom_id_3 
_pdbx_validate_rmsd_angle.auth_asym_id_3 
_pdbx_validate_rmsd_angle.auth_comp_id_3 
_pdbx_validate_rmsd_angle.auth_seq_id_3 
_pdbx_validate_rmsd_angle.PDB_ins_code_3 
_pdbx_validate_rmsd_angle.label_alt_id_3 
_pdbx_validate_rmsd_angle.angle_value 
_pdbx_validate_rmsd_angle.angle_target_value 
_pdbx_validate_rmsd_angle.angle_deviation 
_pdbx_validate_rmsd_angle.angle_standard_deviation 
_pdbx_validate_rmsd_angle.linker_flag 
1 1 "O4'" A DT 3  ? ? "C1'" A DT 3  ? ? N1    A DT 3  ? ? 110.68 108.30 2.38  0.30 N 
2 1 "O4'" A DG 4  ? ? "C1'" A DG 4  ? ? N9    A DG 4  ? ? 111.85 108.30 3.55  0.30 N 
3 1 "O4'" A DG 5  ? ? "C1'" A DG 5  ? ? N9    A DG 5  ? ? 110.31 108.30 2.01  0.30 N 
4 1 "O4'" A DC 8  ? ? "C1'" A DC 8  ? ? N1    A DC 8  ? ? 113.98 108.30 5.68  0.30 N 
5 1 "O5'" A DA 9  ? ? "C5'" A DA 9  ? ? "C4'" A DA 9  ? ? 102.09 109.40 -7.31 0.80 N 
6 1 "O4'" A DG 11 ? ? "C1'" A DG 11 ? ? N9    A DG 11 ? ? 103.42 108.00 -4.58 0.70 N 
7 1 "O4'" A DC 17 ? ? "C1'" A DC 17 ? ? N1    A DC 17 ? ? 110.48 108.30 2.18  0.30 N 
8 1 "O4'" A DC 18 ? ? "C1'" A DC 18 ? ? N1    A DC 18 ? ? 110.14 108.30 1.84  0.30 N 
# 
loop_
_space_group_symop.id 
_space_group_symop.operation_xyz 
1 x,y,z               
2 -y+1/2,x+1/2,z+3/4  
3 y+1/2,-x+1/2,z+1/4  
4 x+1/2,-y+1/2,-z+1/4 
5 -x+1/2,y+1/2,-z+3/4 
6 -x,-y,z+1/2         
7 y,x,-z              
8 -y,-x,-z+1/2        
# 
_pdbx_entry_details.entry_id                 7Z82 
_pdbx_entry_details.has_ligand_of_interest   N 
_pdbx_entry_details.compound_details         ? 
_pdbx_entry_details.source_details           ? 
_pdbx_entry_details.nonpolymer_details       ? 
_pdbx_entry_details.sequence_details         ? 
# 
loop_
_chem_comp_atom.comp_id 
_chem_comp_atom.atom_id 
_chem_comp_atom.type_symbol 
_chem_comp_atom.pdbx_aromatic_flag 
_chem_comp_atom.pdbx_stereo_config 
_chem_comp_atom.pdbx_ordinal 
DA OP3    O  N N 1   
DA P      P  N N 2   
DA OP1    O  N N 3   
DA OP2    O  N N 4   
DA "O5'"  O  N N 5   
DA "C5'"  C  N N 6   
DA "C4'"  C  N R 7   
DA "O4'"  O  N N 8   
DA "C3'"  C  N S 9   
DA "O3'"  O  N N 10  
DA "C2'"  C  N N 11  
DA "C1'"  C  N R 12  
DA N9     N  Y N 13  
DA C8     C  Y N 14  
DA N7     N  Y N 15  
DA C5     C  Y N 16  
DA C6     C  Y N 17  
DA N6     N  N N 18  
DA N1     N  Y N 19  
DA C2     C  Y N 20  
DA N3     N  Y N 21  
DA C4     C  Y N 22  
DA HOP3   H  N N 23  
DA HOP2   H  N N 24  
DA "H5'"  H  N N 25  
DA "H5''" H  N N 26  
DA "H4'"  H  N N 27  
DA "H3'"  H  N N 28  
DA "HO3'" H  N N 29  
DA "H2'"  H  N N 30  
DA "H2''" H  N N 31  
DA "H1'"  H  N N 32  
DA H8     H  N N 33  
DA H61    H  N N 34  
DA H62    H  N N 35  
DA H2     H  N N 36  
DC OP3    O  N N 37  
DC P      P  N N 38  
DC OP1    O  N N 39  
DC OP2    O  N N 40  
DC "O5'"  O  N N 41  
DC "C5'"  C  N N 42  
DC "C4'"  C  N R 43  
DC "O4'"  O  N N 44  
DC "C3'"  C  N S 45  
DC "O3'"  O  N N 46  
DC "C2'"  C  N N 47  
DC "C1'"  C  N R 48  
DC N1     N  N N 49  
DC C2     C  N N 50  
DC O2     O  N N 51  
DC N3     N  N N 52  
DC C4     C  N N 53  
DC N4     N  N N 54  
DC C5     C  N N 55  
DC C6     C  N N 56  
DC HOP3   H  N N 57  
DC HOP2   H  N N 58  
DC "H5'"  H  N N 59  
DC "H5''" H  N N 60  
DC "H4'"  H  N N 61  
DC "H3'"  H  N N 62  
DC "HO3'" H  N N 63  
DC "H2'"  H  N N 64  
DC "H2''" H  N N 65  
DC "H1'"  H  N N 66  
DC H41    H  N N 67  
DC H42    H  N N 68  
DC H5     H  N N 69  
DC H6     H  N N 70  
DG OP3    O  N N 71  
DG P      P  N N 72  
DG OP1    O  N N 73  
DG OP2    O  N N 74  
DG "O5'"  O  N N 75  
DG "C5'"  C  N N 76  
DG "C4'"  C  N R 77  
DG "O4'"  O  N N 78  
DG "C3'"  C  N S 79  
DG "O3'"  O  N N 80  
DG "C2'"  C  N N 81  
DG "C1'"  C  N R 82  
DG N9     N  Y N 83  
DG C8     C  Y N 84  
DG N7     N  Y N 85  
DG C5     C  Y N 86  
DG C6     C  N N 87  
DG O6     O  N N 88  
DG N1     N  N N 89  
DG C2     C  N N 90  
DG N2     N  N N 91  
DG N3     N  N N 92  
DG C4     C  Y N 93  
DG HOP3   H  N N 94  
DG HOP2   H  N N 95  
DG "H5'"  H  N N 96  
DG "H5''" H  N N 97  
DG "H4'"  H  N N 98  
DG "H3'"  H  N N 99  
DG "HO3'" H  N N 100 
DG "H2'"  H  N N 101 
DG "H2''" H  N N 102 
DG "H1'"  H  N N 103 
DG H8     H  N N 104 
DG H1     H  N N 105 
DG H21    H  N N 106 
DG H22    H  N N 107 
DT OP3    O  N N 108 
DT P      P  N N 109 
DT OP1    O  N N 110 
DT OP2    O  N N 111 
DT "O5'"  O  N N 112 
DT "C5'"  C  N N 113 
DT "C4'"  C  N R 114 
DT "O4'"  O  N N 115 
DT "C3'"  C  N S 116 
DT "O3'"  O  N N 117 
DT "C2'"  C  N N 118 
DT "C1'"  C  N R 119 
DT N1     N  N N 120 
DT C2     C  N N 121 
DT O2     O  N N 122 
DT N3     N  N N 123 
DT C4     C  N N 124 
DT O4     O  N N 125 
DT C5     C  N N 126 
DT C7     C  N N 127 
DT C6     C  N N 128 
DT HOP3   H  N N 129 
DT HOP2   H  N N 130 
DT "H5'"  H  N N 131 
DT "H5''" H  N N 132 
DT "H4'"  H  N N 133 
DT "H3'"  H  N N 134 
DT "HO3'" H  N N 135 
DT "H2'"  H  N N 136 
DT "H2''" H  N N 137 
DT "H1'"  H  N N 138 
DT H3     H  N N 139 
DT H71    H  N N 140 
DT H72    H  N N 141 
DT H73    H  N N 142 
DT H6     H  N N 143 
SR SR     SR N N 144 
# 
loop_
_chem_comp_bond.comp_id 
_chem_comp_bond.atom_id_1 
_chem_comp_bond.atom_id_2 
_chem_comp_bond.value_order 
_chem_comp_bond.pdbx_aromatic_flag 
_chem_comp_bond.pdbx_stereo_config 
_chem_comp_bond.pdbx_ordinal 
DA OP3   P      sing N N 1   
DA OP3   HOP3   sing N N 2   
DA P     OP1    doub N N 3   
DA P     OP2    sing N N 4   
DA P     "O5'"  sing N N 5   
DA OP2   HOP2   sing N N 6   
DA "O5'" "C5'"  sing N N 7   
DA "C5'" "C4'"  sing N N 8   
DA "C5'" "H5'"  sing N N 9   
DA "C5'" "H5''" sing N N 10  
DA "C4'" "O4'"  sing N N 11  
DA "C4'" "C3'"  sing N N 12  
DA "C4'" "H4'"  sing N N 13  
DA "O4'" "C1'"  sing N N 14  
DA "C3'" "O3'"  sing N N 15  
DA "C3'" "C2'"  sing N N 16  
DA "C3'" "H3'"  sing N N 17  
DA "O3'" "HO3'" sing N N 18  
DA "C2'" "C1'"  sing N N 19  
DA "C2'" "H2'"  sing N N 20  
DA "C2'" "H2''" sing N N 21  
DA "C1'" N9     sing N N 22  
DA "C1'" "H1'"  sing N N 23  
DA N9    C8     sing Y N 24  
DA N9    C4     sing Y N 25  
DA C8    N7     doub Y N 26  
DA C8    H8     sing N N 27  
DA N7    C5     sing Y N 28  
DA C5    C6     sing Y N 29  
DA C5    C4     doub Y N 30  
DA C6    N6     sing N N 31  
DA C6    N1     doub Y N 32  
DA N6    H61    sing N N 33  
DA N6    H62    sing N N 34  
DA N1    C2     sing Y N 35  
DA C2    N3     doub Y N 36  
DA C2    H2     sing N N 37  
DA N3    C4     sing Y N 38  
DC OP3   P      sing N N 39  
DC OP3   HOP3   sing N N 40  
DC P     OP1    doub N N 41  
DC P     OP2    sing N N 42  
DC P     "O5'"  sing N N 43  
DC OP2   HOP2   sing N N 44  
DC "O5'" "C5'"  sing N N 45  
DC "C5'" "C4'"  sing N N 46  
DC "C5'" "H5'"  sing N N 47  
DC "C5'" "H5''" sing N N 48  
DC "C4'" "O4'"  sing N N 49  
DC "C4'" "C3'"  sing N N 50  
DC "C4'" "H4'"  sing N N 51  
DC "O4'" "C1'"  sing N N 52  
DC "C3'" "O3'"  sing N N 53  
DC "C3'" "C2'"  sing N N 54  
DC "C3'" "H3'"  sing N N 55  
DC "O3'" "HO3'" sing N N 56  
DC "C2'" "C1'"  sing N N 57  
DC "C2'" "H2'"  sing N N 58  
DC "C2'" "H2''" sing N N 59  
DC "C1'" N1     sing N N 60  
DC "C1'" "H1'"  sing N N 61  
DC N1    C2     sing N N 62  
DC N1    C6     sing N N 63  
DC C2    O2     doub N N 64  
DC C2    N3     sing N N 65  
DC N3    C4     doub N N 66  
DC C4    N4     sing N N 67  
DC C4    C5     sing N N 68  
DC N4    H41    sing N N 69  
DC N4    H42    sing N N 70  
DC C5    C6     doub N N 71  
DC C5    H5     sing N N 72  
DC C6    H6     sing N N 73  
DG OP3   P      sing N N 74  
DG OP3   HOP3   sing N N 75  
DG P     OP1    doub N N 76  
DG P     OP2    sing N N 77  
DG P     "O5'"  sing N N 78  
DG OP2   HOP2   sing N N 79  
DG "O5'" "C5'"  sing N N 80  
DG "C5'" "C4'"  sing N N 81  
DG "C5'" "H5'"  sing N N 82  
DG "C5'" "H5''" sing N N 83  
DG "C4'" "O4'"  sing N N 84  
DG "C4'" "C3'"  sing N N 85  
DG "C4'" "H4'"  sing N N 86  
DG "O4'" "C1'"  sing N N 87  
DG "C3'" "O3'"  sing N N 88  
DG "C3'" "C2'"  sing N N 89  
DG "C3'" "H3'"  sing N N 90  
DG "O3'" "HO3'" sing N N 91  
DG "C2'" "C1'"  sing N N 92  
DG "C2'" "H2'"  sing N N 93  
DG "C2'" "H2''" sing N N 94  
DG "C1'" N9     sing N N 95  
DG "C1'" "H1'"  sing N N 96  
DG N9    C8     sing Y N 97  
DG N9    C4     sing Y N 98  
DG C8    N7     doub Y N 99  
DG C8    H8     sing N N 100 
DG N7    C5     sing Y N 101 
DG C5    C6     sing N N 102 
DG C5    C4     doub Y N 103 
DG C6    O6     doub N N 104 
DG C6    N1     sing N N 105 
DG N1    C2     sing N N 106 
DG N1    H1     sing N N 107 
DG C2    N2     sing N N 108 
DG C2    N3     doub N N 109 
DG N2    H21    sing N N 110 
DG N2    H22    sing N N 111 
DG N3    C4     sing N N 112 
DT OP3   P      sing N N 113 
DT OP3   HOP3   sing N N 114 
DT P     OP1    doub N N 115 
DT P     OP2    sing N N 116 
DT P     "O5'"  sing N N 117 
DT OP2   HOP2   sing N N 118 
DT "O5'" "C5'"  sing N N 119 
DT "C5'" "C4'"  sing N N 120 
DT "C5'" "H5'"  sing N N 121 
DT "C5'" "H5''" sing N N 122 
DT "C4'" "O4'"  sing N N 123 
DT "C4'" "C3'"  sing N N 124 
DT "C4'" "H4'"  sing N N 125 
DT "O4'" "C1'"  sing N N 126 
DT "C3'" "O3'"  sing N N 127 
DT "C3'" "C2'"  sing N N 128 
DT "C3'" "H3'"  sing N N 129 
DT "O3'" "HO3'" sing N N 130 
DT "C2'" "C1'"  sing N N 131 
DT "C2'" "H2'"  sing N N 132 
DT "C2'" "H2''" sing N N 133 
DT "C1'" N1     sing N N 134 
DT "C1'" "H1'"  sing N N 135 
DT N1    C2     sing N N 136 
DT N1    C6     sing N N 137 
DT C2    O2     doub N N 138 
DT C2    N3     sing N N 139 
DT N3    C4     sing N N 140 
DT N3    H3     sing N N 141 
DT C4    O4     doub N N 142 
DT C4    C5     sing N N 143 
DT C5    C7     sing N N 144 
DT C5    C6     doub N N 145 
DT C7    H71    sing N N 146 
DT C7    H72    sing N N 147 
DT C7    H73    sing N N 148 
DT C6    H6     sing N N 149 
# 
loop_
_ndb_struct_conf_na.entry_id 
_ndb_struct_conf_na.feature 
7Z82 'double helix'         
7Z82 'a-form double helix'  
7Z82 'mismatched base pair' 
# 
loop_
_ndb_struct_na_base_pair.model_number 
_ndb_struct_na_base_pair.i_label_asym_id 
_ndb_struct_na_base_pair.i_label_comp_id 
_ndb_struct_na_base_pair.i_label_seq_id 
_ndb_struct_na_base_pair.i_symmetry 
_ndb_struct_na_base_pair.j_label_asym_id 
_ndb_struct_na_base_pair.j_label_comp_id 
_ndb_struct_na_base_pair.j_label_seq_id 
_ndb_struct_na_base_pair.j_symmetry 
_ndb_struct_na_base_pair.shear 
_ndb_struct_na_base_pair.stretch 
_ndb_struct_na_base_pair.stagger 
_ndb_struct_na_base_pair.buckle 
_ndb_struct_na_base_pair.propeller 
_ndb_struct_na_base_pair.opening 
_ndb_struct_na_base_pair.pair_number 
_ndb_struct_na_base_pair.pair_name 
_ndb_struct_na_base_pair.i_auth_asym_id 
_ndb_struct_na_base_pair.i_auth_seq_id 
_ndb_struct_na_base_pair.i_PDB_ins_code 
_ndb_struct_na_base_pair.j_auth_asym_id 
_ndb_struct_na_base_pair.j_auth_seq_id 
_ndb_struct_na_base_pair.j_PDB_ins_code 
_ndb_struct_na_base_pair.hbond_type_28 
_ndb_struct_na_base_pair.hbond_type_12 
1 A DG 1  1_555 A DC 18 7_465 0.083  -0.022 -0.165 -10.043 -4.769  -8.603  1  A_DG1:DC18_A A 1  ? A 18 ? 19 1 
1 A DG 2  1_555 A DC 17 7_465 -0.266 0.041  0.465  2.354   -5.910  2.898   2  A_DG2:DC17_A A 2  ? A 17 ? 19 1 
1 A DT 3  1_555 A DA 16 7_465 0.612  -0.158 0.718  -3.262  -8.397  0.549   3  A_DT3:DA16_A A 3  ? A 16 ? 20 1 
1 A DG 4  1_555 A DC 15 7_465 -0.065 -0.336 1.059  15.613  -13.279 1.871   4  A_DG4:DC15_A A 4  ? A 15 ? 19 1 
1 A DG 5  1_555 A DC 14 7_465 -0.490 -0.200 0.416  0.686   -8.890  2.825   5  A_DG5:DC14_A A 5  ? A 14 ? 19 1 
1 A DG 6  1_555 A DC 13 7_465 0.319  0.180  0.188  -14.314 -10.723 7.710   6  A_DG6:DC13_A A 6  ? A 13 ? 19 1 
1 A DG 7  1_555 A DC 12 7_465 1.354  -0.110 0.188  -12.747 -14.015 -6.352  7  A_DG7:DC12_A A 7  ? A 12 ? 19 1 
1 A DC 8  1_555 A DG 11 7_465 0.656  -0.371 0.886  -8.300  -21.059 -21.362 8  A_DC8:DG11_A A 8  ? A 11 ? 19 1 
1 A DA 9  1_555 A DG 10 7_465 -1.075 1.505  0.297  12.284  -33.670 1.464   9  A_DA9:DG10_A A 9  ? A 10 ? 8  1 
1 A DG 10 1_555 A DA 9  7_465 1.075  1.505  0.297  -12.284 -33.670 1.464   10 A_DG10:DA9_A A 10 ? A 9  ? 8  1 
1 A DG 11 1_555 A DC 8  7_465 -0.656 -0.371 0.886  8.300   -21.059 -21.362 11 A_DG11:DC8_A A 11 ? A 8  ? 19 1 
1 A DC 12 1_555 A DG 7  7_465 -1.354 -0.110 0.188  12.747  -14.015 -6.352  12 A_DC12:DG7_A A 12 ? A 7  ? 19 1 
1 A DC 13 1_555 A DG 6  7_465 -0.319 0.180  0.188  14.314  -10.723 7.710   13 A_DC13:DG6_A A 13 ? A 6  ? 19 1 
1 A DC 14 1_555 A DG 5  7_465 0.490  -0.200 0.416  -0.686  -8.890  2.825   14 A_DC14:DG5_A A 14 ? A 5  ? 19 1 
1 A DC 15 1_555 A DG 4  7_465 0.065  -0.336 1.059  -15.613 -13.279 1.871   15 A_DC15:DG4_A A 15 ? A 4  ? 19 1 
1 A DA 16 1_555 A DT 3  7_465 -0.612 -0.158 0.718  3.262   -8.397  0.549   16 A_DA16:DT3_A A 16 ? A 3  ? 20 1 
1 A DC 17 1_555 A DG 2  7_465 0.266  0.041  0.465  -2.354  -5.910  2.898   17 A_DC17:DG2_A A 17 ? A 2  ? 19 1 
1 A DC 18 1_555 A DG 1  7_465 -0.083 -0.022 -0.165 10.043  -4.769  -8.603  18 A_DC18:DG1_A A 18 ? A 1  ? 19 1 
# 
loop_
_ndb_struct_na_base_pair_step.model_number 
_ndb_struct_na_base_pair_step.i_label_asym_id_1 
_ndb_struct_na_base_pair_step.i_label_comp_id_1 
_ndb_struct_na_base_pair_step.i_label_seq_id_1 
_ndb_struct_na_base_pair_step.i_symmetry_1 
_ndb_struct_na_base_pair_step.j_label_asym_id_1 
_ndb_struct_na_base_pair_step.j_label_comp_id_1 
_ndb_struct_na_base_pair_step.j_label_seq_id_1 
_ndb_struct_na_base_pair_step.j_symmetry_1 
_ndb_struct_na_base_pair_step.i_label_asym_id_2 
_ndb_struct_na_base_pair_step.i_label_comp_id_2 
_ndb_struct_na_base_pair_step.i_label_seq_id_2 
_ndb_struct_na_base_pair_step.i_symmetry_2 
_ndb_struct_na_base_pair_step.j_label_asym_id_2 
_ndb_struct_na_base_pair_step.j_label_comp_id_2 
_ndb_struct_na_base_pair_step.j_label_seq_id_2 
_ndb_struct_na_base_pair_step.j_symmetry_2 
_ndb_struct_na_base_pair_step.shift 
_ndb_struct_na_base_pair_step.slide 
_ndb_struct_na_base_pair_step.rise 
_ndb_struct_na_base_pair_step.tilt 
_ndb_struct_na_base_pair_step.roll 
_ndb_struct_na_base_pair_step.twist 
_ndb_struct_na_base_pair_step.x_displacement 
_ndb_struct_na_base_pair_step.y_displacement 
_ndb_struct_na_base_pair_step.helical_rise 
_ndb_struct_na_base_pair_step.inclination 
_ndb_struct_na_base_pair_step.tip 
_ndb_struct_na_base_pair_step.helical_twist 
_ndb_struct_na_base_pair_step.step_number 
_ndb_struct_na_base_pair_step.step_name 
_ndb_struct_na_base_pair_step.i_auth_asym_id_1 
_ndb_struct_na_base_pair_step.i_auth_seq_id_1 
_ndb_struct_na_base_pair_step.i_PDB_ins_code_1 
_ndb_struct_na_base_pair_step.j_auth_asym_id_1 
_ndb_struct_na_base_pair_step.j_auth_seq_id_1 
_ndb_struct_na_base_pair_step.j_PDB_ins_code_1 
_ndb_struct_na_base_pair_step.i_auth_asym_id_2 
_ndb_struct_na_base_pair_step.i_auth_seq_id_2 
_ndb_struct_na_base_pair_step.i_PDB_ins_code_2 
_ndb_struct_na_base_pair_step.j_auth_asym_id_2 
_ndb_struct_na_base_pair_step.j_auth_seq_id_2 
_ndb_struct_na_base_pair_step.j_PDB_ins_code_2 
1 A DG 1  1_555 A DC 18 7_465 A DG 2  1_555 A DC 17 7_465 0.891  -1.283 2.970 -4.477 4.623  28.472 -3.411 -2.605 2.567 9.251  
8.957   29.176 1  AA_DG1DG2:DC17DC18_AA A 1  ? A 18 ? A 2  ? A 17 ? 
1 A DG 2  1_555 A DC 17 7_465 A DT 3  1_555 A DA 16 7_465 0.110  -1.547 3.406 0.903  1.720  36.430 -2.717 -0.048 3.334 2.748  
-1.444  36.480 2  AA_DG2DT3:DA16DC17_AA A 2  ? A 17 ? A 3  ? A 16 ? 
1 A DT 3  1_555 A DA 16 7_465 A DG 4  1_555 A DC 15 7_465 -0.103 -1.748 2.440 -1.292 6.148  23.674 -5.420 -0.030 1.933 14.657 
3.080   24.482 3  AA_DT3DG4:DC15DA16_AA A 3  ? A 16 ? A 4  ? A 15 ? 
1 A DG 4  1_555 A DC 15 7_465 A DG 5  1_555 A DC 14 7_465 -0.298 -1.577 3.463 -0.263 7.503  32.239 -4.045 0.478  3.031 13.288 
0.466   33.080 4  AA_DG4DG5:DC14DC15_AA A 4  ? A 15 ? A 5  ? A 14 ? 
1 A DG 5  1_555 A DC 14 7_465 A DG 6  1_555 A DC 13 7_465 0.524  -1.640 3.368 2.339  8.347  37.324 -3.530 -0.510 2.973 12.832 
-3.596  38.282 5  AA_DG5DG6:DC13DC14_AA A 5  ? A 14 ? A 6  ? A 13 ? 
1 A DG 6  1_555 A DC 13 7_465 A DG 7  1_555 A DC 12 7_465 -0.320 -2.216 3.064 3.216  5.276  35.222 -4.284 0.932  2.676 8.637  
-5.265  35.743 6  AA_DG6DG7:DC12DC13_AA A 6  ? A 13 ? A 7  ? A 12 ? 
1 A DG 7  1_555 A DC 12 7_465 A DC 8  1_555 A DG 11 7_465 -1.457 -1.206 3.210 -6.129 9.989  28.046 -4.248 1.590  2.871 19.566 
12.005  30.351 7  AA_DG7DC8:DG11DC12_AA A 7  ? A 12 ? A 8  ? A 11 ? 
1 A DC 8  1_555 A DG 11 7_465 A DA 9  1_555 A DG 10 7_465 0.605  -0.780 2.643 7.888  9.227  21.173 -4.144 0.530  2.202 22.849 
-19.535 24.372 8  AA_DC8DA9:DG10DG11_AA A 8  ? A 11 ? A 9  ? A 10 ? 
1 A DA 9  1_555 A DG 10 7_465 A DG 10 1_555 A DA 9  7_465 0.000  0.503  3.806 0.000  10.245 37.858 -0.704 0.000  3.810 15.447 
0.000   39.171 9  AA_DA9DG10:DA9DG10_AA A 9  ? A 10 ? A 10 ? A 9  ? 
1 A DG 10 1_555 A DA 9  7_465 A DG 11 1_555 A DC 8  7_465 -0.605 -0.780 2.643 -7.888 9.227  21.173 -4.144 -0.530 2.202 22.849 
19.535  24.372 10 AA_DG10DG11:DC8DA9_AA A 10 ? A 9  ? A 11 ? A 8  ? 
1 A DG 11 1_555 A DC 8  7_465 A DC 12 1_555 A DG 7  7_465 1.457  -1.206 3.210 6.129  9.989  28.046 -4.248 -1.590 2.871 19.566 
-12.005 30.351 11 AA_DG11DC12:DG7DC8_AA A 11 ? A 8  ? A 12 ? A 7  ? 
1 A DC 12 1_555 A DG 7  7_465 A DC 13 1_555 A DG 6  7_465 0.320  -2.216 3.064 -3.216 5.276  35.222 -4.284 -0.932 2.676 8.637  
5.265   35.743 12 AA_DC12DC13:DG6DG7_AA A 12 ? A 7  ? A 13 ? A 6  ? 
1 A DC 13 1_555 A DG 6  7_465 A DC 14 1_555 A DG 5  7_465 -0.524 -1.640 3.368 -2.339 8.347  37.324 -3.530 0.510  2.973 12.832 
3.596   38.282 13 AA_DC13DC14:DG5DG6_AA A 13 ? A 6  ? A 14 ? A 5  ? 
1 A DC 14 1_555 A DG 5  7_465 A DC 15 1_555 A DG 4  7_465 0.298  -1.577 3.463 0.263  7.503  32.239 -4.045 -0.478 3.031 13.288 
-0.466  33.080 14 AA_DC14DC15:DG4DG5_AA A 14 ? A 5  ? A 15 ? A 4  ? 
1 A DC 15 1_555 A DG 4  7_465 A DA 16 1_555 A DT 3  7_465 0.103  -1.748 2.440 1.292  6.148  23.674 -5.420 0.030  1.933 14.657 
-3.080  24.482 15 AA_DC15DA16:DT3DG4_AA A 15 ? A 4  ? A 16 ? A 3  ? 
1 A DA 16 1_555 A DT 3  7_465 A DC 17 1_555 A DG 2  7_465 -0.110 -1.547 3.406 -0.903 1.720  36.430 -2.717 0.048  3.334 2.748  
1.444   36.480 16 AA_DA16DC17:DG2DT3_AA A 16 ? A 3  ? A 17 ? A 2  ? 
1 A DC 17 1_555 A DG 2  7_465 A DC 18 1_555 A DG 1  7_465 -0.891 -1.283 2.970 4.477  4.623  28.472 -3.411 2.605  2.567 9.251  
-8.957  29.176 17 AA_DC17DC18:DG1DG2_AA A 17 ? A 2  ? A 18 ? A 1  ? 
# 
loop_
_pdbx_audit_support.funding_organization 
_pdbx_audit_support.country 
_pdbx_audit_support.grant_number 
_pdbx_audit_support.ordinal 
'Ministry of Education, Youth and Sports of the Czech Republic' 'Czech Republic' LTAUSA18197    1 
'Czech Academy of Sciences'                                     'Czech Republic' 'RVO 86652036' 2 
# 
_pdbx_initial_refinement_model.id               1 
_pdbx_initial_refinement_model.entity_id_list   ? 
_pdbx_initial_refinement_model.type             'experimental model' 
_pdbx_initial_refinement_model.source_name      PDB 
_pdbx_initial_refinement_model.accession_code   6ROS 
_pdbx_initial_refinement_model.details          ? 
# 
_space_group.name_H-M_alt     'P 43 21 2' 
_space_group.name_Hall        'P 4nw 2abw' 
_space_group.IT_number        96 
_space_group.crystal_system   tetragonal 
_space_group.id               1 
# 
_atom_sites.entry_id                    7Z82 
_atom_sites.Cartn_transf_matrix[1][1]   ? 
_atom_sites.Cartn_transf_matrix[1][2]   ? 
_atom_sites.Cartn_transf_matrix[1][3]   ? 
_atom_sites.Cartn_transf_matrix[2][1]   ? 
_atom_sites.Cartn_transf_matrix[2][2]   ? 
_atom_sites.Cartn_transf_matrix[2][3]   ? 
_atom_sites.Cartn_transf_matrix[3][1]   ? 
_atom_sites.Cartn_transf_matrix[3][2]   ? 
_atom_sites.Cartn_transf_matrix[3][3]   ? 
_atom_sites.Cartn_transf_vector[1]      ? 
_atom_sites.Cartn_transf_vector[2]      ? 
_atom_sites.Cartn_transf_vector[3]      ? 
_atom_sites.fract_transf_matrix[1][1]   -0.00549384 
_atom_sites.fract_transf_matrix[1][2]   -0.00463306 
_atom_sites.fract_transf_matrix[1][3]   -0.02523668 
_atom_sites.fract_transf_matrix[2][1]   -0.01306139 
_atom_sites.fract_transf_matrix[2][2]   -0.02170953 
_atom_sites.fract_transf_matrix[2][3]   0.00682890 
_atom_sites.fract_transf_matrix[3][1]   -0.00958483 
_atom_sites.fract_transf_matrix[3][2]   0.00607233 
_atom_sites.fract_transf_matrix[3][3]   0.00097176 
_atom_sites.fract_transf_vector[1]      -0.565448 
_atom_sites.fract_transf_vector[2]      0.444663 
_atom_sites.fract_transf_vector[3]      0.018489 
_atom_sites.solution_primary            ? 
_atom_sites.solution_secondary          ? 
_atom_sites.solution_hydrogens          ? 
_atom_sites.special_details             ? 
# 
loop_
_atom_type.symbol 
_atom_type.scat_dispersion_real 
_atom_type.scat_dispersion_imag 
_atom_type.scat_Cromer_Mann_a1 
_atom_type.scat_Cromer_Mann_a2 
_atom_type.scat_Cromer_Mann_a3 
_atom_type.scat_Cromer_Mann_a4 
_atom_type.scat_Cromer_Mann_b1 
_atom_type.scat_Cromer_Mann_b2 
_atom_type.scat_Cromer_Mann_b3 
_atom_type.scat_Cromer_Mann_b4 
_atom_type.scat_Cromer_Mann_c 
_atom_type.scat_source 
_atom_type.scat_dispersion_source 
C  ? ? 3.54356  2.42580 ? ? 25.62398 1.50364  ? ? 0.0 
;2-Gaussian fit: Grosse-Kunstleve RW, Sauter NK, Adams PD: Newsletter of the IUCr Commission on Crystallographic Computing 2004, 3, 22-31.
;
? 
N  ? ? 6.96715  ?       ? ? 11.43723 ?        ? ? 0.0 
;1-Gaussian fit: Grosse-Kunstleve RW, Sauter NK, Adams PD: Newsletter of the IUCr Commission on Crystallographic Computing 2004, 3, 22-31.
;
? 
O  ? ? 7.96527  ?       ? ? 9.05267  ?        ? ? 0.0 
;1-Gaussian fit: Grosse-Kunstleve RW, Sauter NK, Adams PD: Newsletter of the IUCr Commission on Crystallographic Computing 2004, 3, 22-31.
;
? 
P  ? ? 9.51135  5.44231 ? ? 1.42069  35.72801 ? ? 0.0 
;2-Gaussian fit: Grosse-Kunstleve RW, Sauter NK, Adams PD: Newsletter of the IUCr Commission on Crystallographic Computing 2004, 3, 22-31.
;
? 
SR ? ? 32.18652 5.63919 ? ? 2.35430  57.90393 ? ? 0.0 
;2-Gaussian fit: Grosse-Kunstleve RW, Sauter NK, Adams PD: Newsletter of the IUCr Commission on Crystallographic Computing 2004, 3, 22-31.
;
? 
# 
loop_
_atom_site.group_PDB 
_atom_site.id 
_atom_site.type_symbol 
_atom_site.label_atom_id 
_atom_site.label_alt_id 
_atom_site.label_comp_id 
_atom_site.label_asym_id 
_atom_site.label_entity_id 
_atom_site.label_seq_id 
_atom_site.pdbx_PDB_ins_code 
_atom_site.Cartn_x 
_atom_site.Cartn_y 
_atom_site.Cartn_z 
_atom_site.occupancy 
_atom_site.B_iso_or_equiv 
_atom_site.pdbx_formal_charge 
_atom_site.auth_seq_id 
_atom_site.auth_comp_id 
_atom_site.auth_asym_id 
_atom_site.auth_atom_id 
_atom_site.pdbx_PDB_model_num 
ATOM   1   O  "O5'" . DG A 1 1  ? 20.13861  6.78826   -14.65799 1.000 102.82643 ? 1   DG A "O5'" 1 
ATOM   2   C  "C5'" . DG A 1 1  ? 19.20677  7.73139   -14.17348 1.000 94.71643  ? 1   DG A "C5'" 1 
ATOM   3   C  "C4'" . DG A 1 1  ? 18.32102  8.25840   -15.28886 1.000 91.13643  ? 1   DG A "C4'" 1 
ATOM   4   O  "O4'" . DG A 1 1  ? 18.79355  7.73788   -16.56234 1.000 93.95643  ? 1   DG A "O4'" 1 
ATOM   5   C  "C3'" . DG A 1 1  ? 16.86892  7.81479   -15.19545 1.000 93.34643  ? 1   DG A "C3'" 1 
ATOM   6   O  "O3'" . DG A 1 1  ? 16.10981  8.79359   -14.52879 1.000 101.67643 ? 1   DG A "O3'" 1 
ATOM   7   C  "C2'" . DG A 1 1  ? 16.45857  7.71427   -16.66760 1.000 88.35643  ? 1   DG A "C2'" 1 
ATOM   8   C  "C1'" . DG A 1 1  ? 17.71970  7.13419   -17.27948 1.000 99.27643  ? 1   DG A "C1'" 1 
ATOM   9   N  N9    . DG A 1 1  ? 17.79420  5.67833   -17.14658 1.000 87.48643  ? 1   DG A N9    1 
ATOM   10  C  C8    . DG A 1 1  ? 18.53301  4.97817   -16.23207 1.000 84.80643  ? 1   DG A C8    1 
ATOM   11  N  N7    . DG A 1 1  ? 18.42065  3.68460   -16.34400 1.000 91.29643  ? 1   DG A N7    1 
ATOM   12  C  C5    . DG A 1 1  ? 17.57561  3.50390   -17.43001 1.000 89.59643  ? 1   DG A C5    1 
ATOM   13  C  C6    . DG A 1 1  ? 17.10494  2.30412   -18.02948 1.000 90.85643  ? 1   DG A C6    1 
ATOM   14  O  O6    . DG A 1 1  ? 17.35440  1.12718   -17.70527 1.000 104.52643 ? 1   DG A O6    1 
ATOM   15  N  N1    . DG A 1 1  ? 16.26721  2.56559   -19.10813 1.000 84.63643  ? 1   DG A N1    1 
ATOM   16  C  C2    . DG A 1 1  ? 15.92966  3.81908   -19.55273 1.000 89.77643  ? 1   DG A C2    1 
ATOM   17  N  N2    . DG A 1 1  ? 15.11048  3.86369   -20.60803 1.000 81.51643  ? 1   DG A N2    1 
ATOM   18  N  N3    . DG A 1 1  ? 16.36385  4.95278   -19.00331 1.000 85.16643  ? 1   DG A N3    1 
ATOM   19  C  C4    . DG A 1 1  ? 17.18186  4.72055   -17.94740 1.000 84.11643  ? 1   DG A C4    1 
ATOM   20  P  P     . DG A 1 2  ? 14.78401  8.35362   -13.73586 1.000 112.61315 ? 2   DG A P     1 
ATOM   21  O  OP1   . DG A 1 2  ? 14.10702  9.56235   -13.22244 1.000 97.75315  ? 2   DG A OP1   1 
ATOM   22  O  OP2   . DG A 1 2  ? 15.25721  7.31731   -12.78545 1.000 95.23315  ? 2   DG A OP2   1 
ATOM   23  O  "O5'" . DG A 1 2  ? 13.83789  7.68999   -14.85194 1.000 82.57315  ? 2   DG A "O5'" 1 
ATOM   24  C  "C5'" . DG A 1 2  ? 12.90166  8.50368   -15.54790 1.000 97.87315  ? 2   DG A "C5'" 1 
ATOM   25  C  "C4'" . DG A 1 2  ? 12.27179  7.75822   -16.70973 1.000 94.01315  ? 2   DG A "C4'" 1 
ATOM   26  O  "O4'" . DG A 1 2  ? 13.28881  6.98066   -17.38604 1.000 107.42315 ? 2   DG A "O4'" 1 
ATOM   27  C  "C3'" . DG A 1 2  ? 11.17724  6.75012   -16.35703 1.000 102.57315 ? 2   DG A "C3'" 1 
ATOM   28  O  "O3'" . DG A 1 2  ? 9.90768   7.40701   -16.28134 1.000 106.04315 ? 2   DG A "O3'" 1 
ATOM   29  C  "C2'" . DG A 1 2  ? 11.24248  5.79132   -17.52988 1.000 110.26315 ? 2   DG A "C2'" 1 
ATOM   30  C  "C1'" . DG A 1 2  ? 12.74447  5.73357   -17.78740 1.000 102.51315 ? 2   DG A "C1'" 1 
ATOM   31  N  N9    . DG A 1 2  ? 13.43651  4.64577   -17.07616 1.000 95.55315  ? 2   DG A N9    1 
ATOM   32  C  C8    . DG A 1 2  ? 14.28866  4.74992   -15.99582 1.000 101.73315 ? 2   DG A C8    1 
ATOM   33  N  N7    . DG A 1 2  ? 14.74509  3.59266   -15.57260 1.000 97.40315  ? 2   DG A N7    1 
ATOM   34  C  C5    . DG A 1 2  ? 14.13826  2.66159   -16.40846 1.000 105.75315 ? 2   DG A C5    1 
ATOM   35  C  C6    . DG A 1 2  ? 14.23919  1.24176   -16.43304 1.000 99.65315  ? 2   DG A C6    1 
ATOM   36  O  O6    . DG A 1 2  ? 14.90915  0.49525   -15.69139 1.000 107.85315 ? 2   DG A O6    1 
ATOM   37  N  N1    . DG A 1 2  ? 13.45826  0.69666   -17.45069 1.000 91.07315  ? 2   DG A N1    1 
ATOM   38  C  C2    . DG A 1 2  ? 12.67590  1.42756   -18.32435 1.000 104.13315 ? 2   DG A C2    1 
ATOM   39  N  N2    . DG A 1 2  ? 11.98800  0.73031   -19.23653 1.000 112.71315 ? 2   DG A N2    1 
ATOM   40  N  N3    . DG A 1 2  ? 12.57165  2.74666   -18.30721 1.000 101.14315 ? 2   DG A N3    1 
ATOM   41  C  C4    . DG A 1 2  ? 13.32529  3.29690   -17.33307 1.000 99.65315  ? 2   DG A C4    1 
ATOM   42  P  P     . DT A 1 3  ? 8.76476   6.91666   -15.25955 1.000 112.13089 ? 3   DT A P     1 
ATOM   43  O  OP1   . DT A 1 3  ? 7.65457   7.89874   -15.27841 1.000 98.49089  ? 3   DT A OP1   1 
ATOM   44  O  OP2   . DT A 1 3  ? 9.44705   6.54422   -13.99221 1.000 92.98089  ? 3   DT A OP2   1 
ATOM   45  O  "O5'" . DT A 1 3  ? 8.25579   5.55461   -15.90280 1.000 97.88089  ? 3   DT A "O5'" 1 
ATOM   46  C  "C5'" . DT A 1 3  ? 7.69734   5.55611   -17.20854 1.000 98.48089  ? 3   DT A "C5'" 1 
ATOM   47  C  "C4'" . DT A 1 3  ? 7.58279   4.13419   -17.69584 1.000 104.60089 ? 3   DT A "C4'" 1 
ATOM   48  O  "O4'" . DT A 1 3  ? 8.89796   3.54198   -17.75697 1.000 103.02089 ? 3   DT A "O4'" 1 
ATOM   49  C  "C3'" . DT A 1 3  ? 6.80438   3.20303   -16.79042 1.000 102.25089 ? 3   DT A "C3'" 1 
ATOM   50  O  "O3'" . DT A 1 3  ? 5.44092   3.31021   -17.06717 1.000 93.16089  ? 3   DT A "O3'" 1 
ATOM   51  C  "C2'" . DT A 1 3  ? 7.33451   1.84458   -17.19279 1.000 108.06089 ? 3   DT A "C2'" 1 
ATOM   52  C  "C1'" . DT A 1 3  ? 8.80298   2.15796   -17.43778 1.000 96.06089  ? 3   DT A "C1'" 1 
ATOM   53  N  N1    . DT A 1 3  ? 9.73374   1.80742   -16.29506 1.000 90.53089  ? 3   DT A N1    1 
ATOM   54  C  C2    . DT A 1 3  ? 10.04876  0.48337   -16.08073 1.000 103.12089 ? 3   DT A C2    1 
ATOM   55  O  O2    . DT A 1 3  ? 9.57873   -0.42649  -16.74415 1.000 102.72089 ? 3   DT A O2    1 
ATOM   56  N  N3    . DT A 1 3  ? 10.92686  0.25343   -15.04445 1.000 103.70089 ? 3   DT A N3    1 
ATOM   57  C  C4    . DT A 1 3  ? 11.51892  1.19575   -14.22257 1.000 106.71089 ? 3   DT A C4    1 
ATOM   58  O  O4    . DT A 1 3  ? 12.29974  0.89012   -13.31369 1.000 102.02089 ? 3   DT A O4    1 
ATOM   59  C  C5    . DT A 1 3  ? 11.15252  2.56646   -14.50485 1.000 99.80089  ? 3   DT A C5    1 
ATOM   60  C  C7    . DT A 1 3  ? 11.72713  3.67685   -13.67947 1.000 103.09089 ? 3   DT A C7    1 
ATOM   61  C  C6    . DT A 1 3  ? 10.29203  2.80552   -15.52056 1.000 89.96089  ? 3   DT A C6    1 
ATOM   62  P  P     . DG A 1 4  ? 4.36813   3.16218   -15.89272 1.000 97.08508  ? 4   DG A P     1 
ATOM   63  O  OP1   . DG A 1 4  ? 3.06776   3.59374   -16.45835 1.000 84.01508  ? 4   DG A OP1   1 
ATOM   64  O  OP2   . DG A 1 4  ? 4.91744   3.80367   -14.67419 1.000 89.44508  ? 4   DG A OP2   1 
ATOM   65  O  "O5'" . DG A 1 4  ? 4.35981   1.58394   -15.61655 1.000 102.83508 ? 4   DG A "O5'" 1 
ATOM   66  C  "C5'" . DG A 1 4  ? 3.87214   0.69690   -16.58910 1.000 82.60508  ? 4   DG A "C5'" 1 
ATOM   67  C  "C4'" . DG A 1 4  ? 4.32443   -0.71721  -16.28930 1.000 86.57508  ? 4   DG A "C4'" 1 
ATOM   68  O  "O4'" . DG A 1 4  ? 5.75560   -0.73962  -16.13284 1.000 94.66508  ? 4   DG A "O4'" 1 
ATOM   69  C  "C3'" . DG A 1 4  ? 3.81658   -1.29962  -14.98576 1.000 90.00508  ? 4   DG A "C3'" 1 
ATOM   70  O  "O3'" . DG A 1 4  ? 2.52933   -1.83863  -15.17932 1.000 106.17508 ? 4   DG A "O3'" 1 
ATOM   71  C  "C2'" . DG A 1 4  ? 4.81728   -2.40973  -14.72255 1.000 104.44508 ? 4   DG A "C2'" 1 
ATOM   72  C  "C1'" . DG A 1 4  ? 6.10081   -1.83898  -15.31425 1.000 100.31508 ? 4   DG A "C1'" 1 
ATOM   73  N  N9    . DG A 1 4  ? 7.13080   -1.48954  -14.34142 1.000 90.63508  ? 4   DG A N9    1 
ATOM   74  C  C8    . DG A 1 4  ? 7.43375   -0.25456  -13.80865 1.000 87.12508  ? 4   DG A C8    1 
ATOM   75  N  N7    . DG A 1 4  ? 8.43582   -0.28992  -12.96174 1.000 82.80508  ? 4   DG A N7    1 
ATOM   76  C  C5    . DG A 1 4  ? 8.81360   -1.63226  -12.94368 1.000 91.80508  ? 4   DG A C5    1 
ATOM   77  C  C6    . DG A 1 4  ? 9.84388   -2.29471  -12.21895 1.000 100.28508 ? 4   DG A C6    1 
ATOM   78  O  O6    . DG A 1 4  ? 10.66199  -1.80735  -11.41413 1.000 101.35508 ? 4   DG A O6    1 
ATOM   79  N  N1    . DG A 1 4  ? 9.87237   -3.66915  -12.50658 1.000 103.38508 ? 4   DG A N1    1 
ATOM   80  C  C2    . DG A 1 4  ? 9.01509   -4.31410  -13.38066 1.000 103.03508 ? 4   DG A C2    1 
ATOM   81  N  N2    . DG A 1 4  ? 9.19249   -5.63790  -13.53444 1.000 94.12508  ? 4   DG A N2    1 
ATOM   82  N  N3    . DG A 1 4  ? 8.05483   -3.70301  -14.05608 1.000 95.72508  ? 4   DG A N3    1 
ATOM   83  C  C4    . DG A 1 4  ? 8.01526   -2.37203  -13.79065 1.000 89.92508  ? 4   DG A C4    1 
ATOM   84  P  P     . DG A 1 5  ? 1.57220   -2.07372  -13.91666 1.000 94.26478  ? 5   DG A P     1 
ATOM   85  O  OP1   . DG A 1 5  ? 0.31397   -2.50135  -14.56292 1.000 112.21478 ? 5   DG A OP1   1 
ATOM   86  O  OP2   . DG A 1 5  ? 1.57872   -0.91928  -12.99316 1.000 90.45478  ? 5   DG A OP2   1 
ATOM   87  O  "O5'" . DG A 1 5  ? 2.18614   -3.34627  -13.16971 1.000 89.55478  ? 5   DG A "O5'" 1 
ATOM   88  C  "C5'" . DG A 1 5  ? 1.91280   -4.64477  -13.64404 1.000 97.58478  ? 5   DG A "C5'" 1 
ATOM   89  C  "C4'" . DG A 1 5  ? 2.78438   -5.67646  -12.94989 1.000 98.20478  ? 5   DG A "C4'" 1 
ATOM   90  O  "O4'" . DG A 1 5  ? 4.17693   -5.39343  -13.19840 1.000 94.84478  ? 5   DG A "O4'" 1 
ATOM   91  C  "C3'" . DG A 1 5  ? 2.70059   -5.75381  -11.42365 1.000 95.29478  ? 5   DG A "C3'" 1 
ATOM   92  O  "O3'" . DG A 1 5  ? 1.56069   -6.46003  -10.97544 1.000 100.71478 ? 5   DG A "O3'" 1 
ATOM   93  C  "C2'" . DG A 1 5  ? 3.96302   -6.52531  -11.11685 1.000 88.43478  ? 5   DG A "C2'" 1 
ATOM   94  C  "C1'" . DG A 1 5  ? 4.94153   -5.92969  -12.12779 1.000 98.39478  ? 5   DG A "C1'" 1 
ATOM   95  N  N9    . DG A 1 5  ? 5.78605   -4.90448  -11.55011 1.000 100.83478 ? 5   DG A N9    1 
ATOM   96  C  C8    . DG A 1 5  ? 5.67918   -3.54731  -11.69723 1.000 94.69478  ? 5   DG A C8    1 
ATOM   97  N  N7    . DG A 1 5  ? 6.57856   -2.88516  -11.02582 1.000 94.46478  ? 5   DG A N7    1 
ATOM   98  C  C5    . DG A 1 5  ? 7.31178   -3.87131  -10.37897 1.000 94.16478  ? 5   DG A C5    1 
ATOM   99  C  C6    . DG A 1 5  ? 8.41720   -3.76249  -9.50222  1.000 101.57478 ? 5   DG A C6    1 
ATOM   100 O  O6    . DG A 1 5  ? 8.98629   -2.73340  -9.10722  1.000 105.02478 ? 5   DG A O6    1 
ATOM   101 N  N1    . DG A 1 5  ? 8.85576   -5.01514  -9.06656  1.000 108.80478 ? 5   DG A N1    1 
ATOM   102 C  C2    . DG A 1 5  ? 8.29695   -6.21871  -9.43905  1.000 105.80478 ? 5   DG A C2    1 
ATOM   103 N  N2    . DG A 1 5  ? 8.85682   -7.32742  -8.92295  1.000 102.40478 ? 5   DG A N2    1 
ATOM   104 N  N3    . DG A 1 5  ? 7.26256   -6.32780  -10.25932 1.000 97.72478  ? 5   DG A N3    1 
ATOM   105 C  C4    . DG A 1 5  ? 6.82786   -5.11703  -10.68928 1.000 99.62478  ? 5   DG A C4    1 
ATOM   106 P  P     . DG A 1 6  ? 1.00848   -6.22801  -9.48022  1.000 96.55379  ? 6   DG A P     1 
ATOM   107 O  OP1   . DG A 1 6  ? -0.14215  -7.13647  -9.33696  1.000 81.20379  ? 6   DG A OP1   1 
ATOM   108 O  OP2   . DG A 1 6  ? 0.82912   -4.78037  -9.24902  1.000 87.30379  ? 6   DG A OP2   1 
ATOM   109 O  "O5'" . DG A 1 6  ? 2.14961   -6.81486  -8.51842  1.000 82.45379  ? 6   DG A "O5'" 1 
ATOM   110 C  "C5'" . DG A 1 6  ? 2.39556   -8.21514  -8.48631  1.000 95.02379  ? 6   DG A "C5'" 1 
ATOM   111 C  "C4'" . DG A 1 6  ? 3.62330   -8.52734  -7.65421  1.000 97.53379  ? 6   DG A "C4'" 1 
ATOM   112 O  "O4'" . DG A 1 6  ? 4.78211   -7.87356  -8.22591  1.000 97.72379  ? 6   DG A "O4'" 1 
ATOM   113 C  "C3'" . DG A 1 6  ? 3.58668   -8.03189  -6.22720  1.000 102.21379 ? 6   DG A "C3'" 1 
ATOM   114 O  "O3'" . DG A 1 6  ? 2.88384   -8.93709  -5.40053  1.000 107.51379 ? 6   DG A "O3'" 1 
ATOM   115 C  "C2'" . DG A 1 6  ? 5.06817   -8.00164  -5.87660  1.000 107.16379 ? 6   DG A "C2'" 1 
ATOM   116 C  "C1'" . DG A 1 6  ? 5.69112   -7.52241  -7.18837  1.000 102.70379 ? 6   DG A "C1'" 1 
ATOM   117 N  N9    . DG A 1 6  ? 5.94097   -6.07953  -7.23414  1.000 103.38379 ? 6   DG A N9    1 
ATOM   118 C  C8    . DG A 1 6  ? 5.26892   -5.15245  -7.98670  1.000 94.01379  ? 6   DG A C8    1 
ATOM   119 N  N7    . DG A 1 6  ? 5.70809   -3.93618  -7.82682  1.000 95.61379  ? 6   DG A N7    1 
ATOM   120 C  C5    . DG A 1 6  ? 6.73609   -4.06147  -6.90500  1.000 103.20379 ? 6   DG A C5    1 
ATOM   121 C  C6    . DG A 1 6  ? 7.58313   -3.07547  -6.35113  1.000 113.52379 ? 6   DG A C6    1 
ATOM   122 O  O6    . DG A 1 6  ? 7.58551   -1.85570  -6.56828  1.000 117.66379 ? 6   DG A O6    1 
ATOM   123 N  N1    . DG A 1 6  ? 8.49458   -3.62305  -5.45917  1.000 117.54379 ? 6   DG A N1    1 
ATOM   124 C  C2    . DG A 1 6  ? 8.57753   -4.95275  -5.14342  1.000 116.13379 ? 6   DG A C2    1 
ATOM   125 N  N2    . DG A 1 6  ? 9.52215   -5.28987  -4.25666  1.000 120.65379 ? 6   DG A N2    1 
ATOM   126 N  N3    . DG A 1 6  ? 7.79105   -5.88923  -5.65692  1.000 110.96379 ? 6   DG A N3    1 
ATOM   127 C  C4    . DG A 1 6  ? 6.89730   -5.37279  -6.53022  1.000 107.03379 ? 6   DG A C4    1 
ATOM   128 P  P     . DG A 1 7  ? 2.43164   -8.44183  -3.94773  1.000 117.47387 ? 7   DG A P     1 
ATOM   129 O  OP1   . DG A 1 7  ? 1.48816   -9.42674  -3.37037  1.000 112.42387 ? 7   DG A OP1   1 
ATOM   130 O  OP2   . DG A 1 7  ? 2.07003   -7.02063  -4.11167  1.000 96.77387  ? 7   DG A OP2   1 
ATOM   131 O  "O5'" . DG A 1 7  ? 3.77213   -8.48738  -3.08710  1.000 111.34387 ? 7   DG A "O5'" 1 
ATOM   132 C  "C5'" . DG A 1 7  ? 3.84388   -7.75532  -1.87424  1.000 116.70387 ? 7   DG A "C5'" 1 
ATOM   133 C  "C4'" . DG A 1 7  ? 5.28819   -7.51947  -1.47880  1.000 127.02387 ? 7   DG A "C4'" 1 
ATOM   134 O  "O4'" . DG A 1 7  ? 6.00412   -6.91695  -2.58975  1.000 127.18387 ? 7   DG A "O4'" 1 
ATOM   135 C  "C3'" . DG A 1 7  ? 5.46691   -6.54355  -0.33599  1.000 133.93387 ? 7   DG A "C3'" 1 
ATOM   136 O  "O3'" . DG A 1 7  ? 5.33305   -7.22089  0.90128   1.000 134.16387 ? 7   DG A "O3'" 1 
ATOM   137 C  "C2'" . DG A 1 7  ? 6.89988   -6.05356  -0.57274  1.000 136.02387 ? 7   DG A "C2'" 1 
ATOM   138 C  "C1'" . DG A 1 7  ? 6.96556   -5.98575  -2.10566  1.000 126.04387 ? 7   DG A "C1'" 1 
ATOM   139 N  N9    . DG A 1 7  ? 6.68650   -4.65187  -2.64685  1.000 119.67387 ? 7   DG A N9    1 
ATOM   140 C  C8    . DG A 1 7  ? 5.67175   -4.29092  -3.49975  1.000 114.56387 ? 7   DG A C8    1 
ATOM   141 N  N7    . DG A 1 7  ? 5.68885   -3.02514  -3.82315  1.000 117.09387 ? 7   DG A N7    1 
ATOM   142 C  C5    . DG A 1 7  ? 6.80570   -2.52383  -3.17413  1.000 122.12387 ? 7   DG A C5    1 
ATOM   143 C  C6    . DG A 1 7  ? 7.33894   -1.21627  -3.16183  1.000 129.42387 ? 7   DG A C6    1 
ATOM   144 O  O6    . DG A 1 7  ? 6.90833   -0.20241  -3.73952  1.000 129.88387 ? 7   DG A O6    1 
ATOM   145 N  N1    . DG A 1 7  ? 8.48944   -1.14330  -2.37631  1.000 132.54387 ? 7   DG A N1    1 
ATOM   146 C  C2    . DG A 1 7  ? 9.05066   -2.20053  -1.69549  1.000 131.89387 ? 7   DG A C2    1 
ATOM   147 N  N2    . DG A 1 7  ? 10.15977  -1.93672  -0.99024  1.000 136.88387 ? 7   DG A N2    1 
ATOM   148 N  N3    . DG A 1 7  ? 8.55936   -3.42732  -1.70201  1.000 128.04387 ? 7   DG A N3    1 
ATOM   149 C  C4    . DG A 1 7  ? 7.44063   -3.51636  -2.45808  1.000 124.03387 ? 7   DG A C4    1 
ATOM   150 P  P     . DC A 1 8  ? 4.28582   -6.67729  1.99092   1.000 158.66600 ? 8   DC A P     1 
ATOM   151 O  OP1   . DC A 1 8  ? 3.18671   -7.66569  1.99148   1.000 151.36600 ? 8   DC A OP1   1 
ATOM   152 O  OP2   . DC A 1 8  ? 4.00920   -5.24585  1.76211   1.000 150.53600 ? 8   DC A OP2   1 
ATOM   153 O  "O5'" . DC A 1 8  ? 5.04959   -6.77601  3.37451   1.000 151.41600 ? 8   DC A "O5'" 1 
ATOM   154 C  "C5'" . DC A 1 8  ? 6.34442   -7.28238  3.42450   1.000 148.41600 ? 8   DC A "C5'" 1 
ATOM   155 C  "C4'" . DC A 1 8  ? 7.34267   -6.15944  3.59555   1.000 147.37600 ? 8   DC A "C4'" 1 
ATOM   156 O  "O4'" . DC A 1 8  ? 7.55121   -5.38333  2.40327   1.000 145.03600 ? 8   DC A "O4'" 1 
ATOM   157 C  "C3'" . DC A 1 8  ? 6.97360   -5.18377  4.68899   1.000 152.73600 ? 8   DC A "C3'" 1 
ATOM   158 O  "O3'" . DC A 1 8  ? 7.36978   -5.80288  5.88580   1.000 154.92600 ? 8   DC A "O3'" 1 
ATOM   159 C  "C2'" . DC A 1 8  ? 7.91308   -4.02136  4.33565   1.000 151.65600 ? 8   DC A "C2'" 1 
ATOM   160 C  "C1'" . DC A 1 8  ? 7.91134   -4.07306  2.79074   1.000 147.27600 ? 8   DC A "C1'" 1 
ATOM   161 N  N1    . DC A 1 8  ? 7.25009   -2.99154  1.97926   1.000 140.39600 ? 8   DC A N1    1 
ATOM   162 C  C2    . DC A 1 8  ? 7.79000   -1.70203  2.01439   1.000 141.39600 ? 8   DC A C2    1 
ATOM   163 O  O2    . DC A 1 8  ? 8.79500   -1.49119  2.70443   1.000 142.02600 ? 8   DC A O2    1 
ATOM   164 N  N3    . DC A 1 8  ? 7.24399   -0.73745  1.23464   1.000 142.27600 ? 8   DC A N3    1 
ATOM   165 C  C4    . DC A 1 8  ? 6.18037   -1.01261  0.48013   1.000 138.14600 ? 8   DC A C4    1 
ATOM   166 N  N4    . DC A 1 8  ? 5.65793   -0.02125  -0.25542  1.000 133.25600 ? 8   DC A N4    1 
ATOM   167 C  C5    . DC A 1 8  ? 5.60626   -2.31805  0.44389   1.000 135.93600 ? 8   DC A C5    1 
ATOM   168 C  C6    . DC A 1 8  ? 6.17232   -3.26859  1.19847   1.000 139.60600 ? 8   DC A C6    1 
ATOM   169 P  P     . DA A 1 9  ? 6.63133   -5.53540  7.27486   1.000 175.51197 ? 9   DA A P     1 
ATOM   170 O  OP1   . DA A 1 9  ? 7.08629   -6.57609  8.23102   1.000 167.56197 ? 9   DA A OP1   1 
ATOM   171 O  OP2   . DA A 1 9  ? 5.18883   -5.31153  7.04736   1.000 165.11197 ? 9   DA A OP2   1 
ATOM   172 O  "O5'" . DA A 1 9  ? 7.18782   -4.12762  7.67642   1.000 168.20197 ? 9   DA A "O5'" 1 
ATOM   173 C  "C5'" . DA A 1 9  ? 8.54028   -3.82215  7.83231   1.000 164.83197 ? 9   DA A "C5'" 1 
ATOM   174 C  "C4'" . DA A 1 9  ? 8.50521   -2.35520  8.03970   1.000 162.50197 ? 9   DA A "C4'" 1 
ATOM   175 O  "O4'" . DA A 1 9  ? 8.07047   -1.77530  6.78751   1.000 155.97197 ? 9   DA A "O4'" 1 
ATOM   176 C  "C3'" . DA A 1 9  ? 7.42676   -1.98410  9.05101   1.000 164.18197 ? 9   DA A "C3'" 1 
ATOM   177 O  "O3'" . DA A 1 9  ? 7.92072   -1.18790  10.06503  1.000 167.25197 ? 9   DA A "O3'" 1 
ATOM   178 C  "C2'" . DA A 1 9  ? 6.35901   -1.26377  8.23674   1.000 164.91197 ? 9   DA A "C2'" 1 
ATOM   179 C  "C1'" . DA A 1 9  ? 7.16089   -0.75671  7.06708   1.000 158.56197 ? 9   DA A "C1'" 1 
ATOM   180 N  N9    . DA A 1 9  ? 6.33822   -0.52730  5.89445   1.000 162.40197 ? 9   DA A N9    1 
ATOM   181 C  C8    . DA A 1 9  ? 5.23930   -1.23855  5.47600   1.000 164.96197 ? 9   DA A C8    1 
ATOM   182 N  N7    . DA A 1 9  ? 4.69457   -0.76146  4.37946   1.000 162.35197 ? 9   DA A N7    1 
ATOM   183 C  C5    . DA A 1 9  ? 5.49193   0.33407   4.07398   1.000 160.26197 ? 9   DA A C5    1 
ATOM   184 C  C6    . DA A 1 9  ? 5.46066   1.27910   3.03116   1.000 157.46197 ? 9   DA A C6    1 
ATOM   185 N  N6    . DA A 1 9  ? 4.54978   1.27036   2.05323   1.000 158.34197 ? 9   DA A N6    1 
ATOM   186 N  N1    . DA A 1 9  ? 6.41045   2.23959   3.03593   1.000 155.01197 ? 9   DA A N1    1 
ATOM   187 C  C2    . DA A 1 9  ? 7.32315   2.24226   4.01793   1.000 158.51197 ? 9   DA A C2    1 
ATOM   188 N  N3    . DA A 1 9  ? 7.44867   1.41889   5.04079   1.000 160.60197 ? 9   DA A N3    1 
ATOM   189 C  C4    . DA A 1 9  ? 6.49827   0.48134   5.00811   1.000 160.05197 ? 9   DA A C4    1 
ATOM   190 P  P     . DG A 1 10 ? 7.06328   -1.09923  11.41326  1.000 160.11880 ? 10  DG A P     1 
ATOM   191 O  OP1   . DG A 1 10 ? 7.96403   -0.61425  12.47818  1.000 162.03880 ? 10  DG A OP1   1 
ATOM   192 O  OP2   . DG A 1 10 ? 6.39323   -2.41634  11.56168  1.000 156.53880 ? 10  DG A OP2   1 
ATOM   193 O  "O5'" . DG A 1 10 ? 5.91926   -0.02001  11.06681  1.000 161.83880 ? 10  DG A "O5'" 1 
ATOM   194 C  "C5'" . DG A 1 10 ? 5.74650   1.15413   11.87439  1.000 159.51880 ? 10  DG A "C5'" 1 
ATOM   195 C  "C4'" . DG A 1 10 ? 6.03930   2.40838   11.06881  1.000 159.89880 ? 10  DG A "C4'" 1 
ATOM   196 O  "O4'" . DG A 1 10 ? 6.34466   2.02444   9.70601   1.000 161.83880 ? 10  DG A "O4'" 1 
ATOM   197 C  "C3'" . DG A 1 10 ? 4.88516   3.40533   10.95518  1.000 156.61880 ? 10  DG A "C3'" 1 
ATOM   198 O  "O3'" . DG A 1 10 ? 4.90382   4.33963   12.04599  1.000 155.29880 ? 10  DG A "O3'" 1 
ATOM   199 C  "C2'" . DG A 1 10 ? 5.22092   4.10500   9.64847   1.000 158.01880 ? 10  DG A "C2'" 1 
ATOM   200 C  "C1'" . DG A 1 10 ? 5.78906   2.96223   8.81397   1.000 162.26880 ? 10  DG A "C1'" 1 
ATOM   201 N  N9    . DG A 1 10 ? 4.78918   2.30520   7.97997   1.000 156.69880 ? 10  DG A N9    1 
ATOM   202 C  C8    . DG A 1 10 ? 4.14382   1.10944   8.19914   1.000 151.69880 ? 10  DG A C8    1 
ATOM   203 N  N7    . DG A 1 10 ? 3.29727   0.79537   7.25221   1.000 149.19880 ? 10  DG A N7    1 
ATOM   204 C  C5    . DG A 1 10 ? 3.38629   1.85852   6.36534   1.000 151.23880 ? 10  DG A C5    1 
ATOM   205 C  C6    . DG A 1 10 ? 2.70879   2.09419   5.14977   1.000 153.84880 ? 10  DG A C6    1 
ATOM   206 O  O6    . DG A 1 10 ? 1.85884   1.37899   4.59188   1.000 155.80880 ? 10  DG A O6    1 
ATOM   207 N  N1    . DG A 1 10 ? 3.10757   3.30641   4.57316   1.000 152.83880 ? 10  DG A N1    1 
ATOM   208 C  C2    . DG A 1 10 ? 4.04375   4.16600   5.11865   1.000 152.64880 ? 10  DG A C2    1 
ATOM   209 N  N2    . DG A 1 10 ? 4.31290   5.28141   4.44108   1.000 152.61880 ? 10  DG A N2    1 
ATOM   210 N  N3    . DG A 1 10 ? 4.67252   3.94714   6.24724   1.000 151.94880 ? 10  DG A N3    1 
ATOM   211 C  C4    . DG A 1 10 ? 4.29966   2.78772   6.81103   1.000 151.11880 ? 10  DG A C4    1 
ATOM   212 P  P     . DG A 1 11 ? 3.68742   4.43024   13.10503  1.000 164.56028 ? 11  DG A P     1 
ATOM   213 O  OP1   . DG A 1 11 ? 3.58402   5.81610   13.60901  1.000 162.77028 ? 11  DG A OP1   1 
ATOM   214 O  OP2   . DG A 1 11 ? 3.91531   3.32090   14.05600  1.000 154.91028 ? 11  DG A OP2   1 
ATOM   215 O  "O5'" . DG A 1 11 ? 2.38964   3.92342   12.32124  1.000 159.61028 ? 11  DG A "O5'" 1 
ATOM   216 C  "C5'" . DG A 1 11 ? 1.30867   4.77233   11.85590  1.000 152.10028 ? 11  DG A "C5'" 1 
ATOM   217 C  "C4'" . DG A 1 11 ? 1.76688   6.06297   11.19618  1.000 153.17028 ? 11  DG A "C4'" 1 
ATOM   218 O  "O4'" . DG A 1 11 ? 2.61207   5.76359   10.06869  1.000 156.30028 ? 11  DG A "O4'" 1 
ATOM   219 C  "C3'" . DG A 1 11 ? 0.65030   6.99821   10.69540  1.000 153.65028 ? 11  DG A "C3'" 1 
ATOM   220 O  "O3'" . DG A 1 11 ? 0.19906   7.92876   11.69621  1.000 154.20028 ? 11  DG A "O3'" 1 
ATOM   221 C  "C2'" . DG A 1 11 ? 1.34448   7.69237   9.54294   1.000 153.96028 ? 11  DG A "C2'" 1 
ATOM   222 C  "C1'" . DG A 1 11 ? 2.23811   6.57138   8.99166   1.000 155.18028 ? 11  DG A "C1'" 1 
ATOM   223 N  N9    . DG A 1 11 ? 1.59785   5.63985   8.07753   1.000 155.64028 ? 11  DG A N9    1 
ATOM   224 C  C8    . DG A 1 11 ? 1.28310   4.32933   8.36020   1.000 152.82028 ? 11  DG A C8    1 
ATOM   225 N  N7    . DG A 1 11 ? 0.70784   3.70560   7.38065   1.000 146.20028 ? 11  DG A N7    1 
ATOM   226 C  C5    . DG A 1 11 ? 0.57926   4.67601   6.40002   1.000 146.29028 ? 11  DG A C5    1 
ATOM   227 C  C6    . DG A 1 11 ? 0.00766   4.58760   5.11539   1.000 144.32028 ? 11  DG A C6    1 
ATOM   228 O  O6    . DG A 1 11 ? -0.51494  3.59899   4.57637   1.000 144.67028 ? 11  DG A O6    1 
ATOM   229 N  N1    . DG A 1 11 ? 0.07953   5.80465   4.43677   1.000 147.04028 ? 11  DG A N1    1 
ATOM   230 C  C2    . DG A 1 11 ? 0.63716   6.95984   4.94436   1.000 151.02028 ? 11  DG A C2    1 
ATOM   231 N  N2    . DG A 1 11 ? 0.61532   8.03644   4.14176   1.000 148.36028 ? 11  DG A N2    1 
ATOM   232 N  N3    . DG A 1 11 ? 1.17915   7.05330   6.15195   1.000 152.96028 ? 11  DG A N3    1 
ATOM   233 C  C4    . DG A 1 11 ? 1.11431   5.87964   6.82022   1.000 151.02028 ? 11  DG A C4    1 
ATOM   234 P  P     . DC A 1 12 ? -1.08320  7.62000   12.61971  1.000 163.05676 ? 12  DC A P     1 
ATOM   235 O  OP1   . DC A 1 12 ? -1.67397  8.93598   12.95071  1.000 166.14676 ? 12  DC A OP1   1 
ATOM   236 O  OP2   . DC A 1 12 ? -0.67859  6.69563   13.70278  1.000 151.46676 ? 12  DC A OP2   1 
ATOM   237 O  "O5'" . DC A 1 12 ? -2.11657  6.88160   11.63989  1.000 156.94676 ? 12  DC A "O5'" 1 
ATOM   238 C  "C5'" . DC A 1 12 ? -3.45105  7.41468   11.43346  1.000 143.71676 ? 12  DC A "C5'" 1 
ATOM   239 C  "C4'" . DC A 1 12 ? -3.46175  8.44597   10.31152  1.000 146.65676 ? 12  DC A "C4'" 1 
ATOM   240 O  "O4'" . DC A 1 12 ? -2.27911  8.24262   9.48313   1.000 152.29676 ? 12  DC A "O4'" 1 
ATOM   241 C  "C3'" . DC A 1 12 ? -4.64059  8.35181   9.33033   1.000 141.80676 ? 12  DC A "C3'" 1 
ATOM   242 O  "O3'" . DC A 1 12 ? -5.73688  9.18685   9.73067   1.000 140.62676 ? 12  DC A "O3'" 1 
ATOM   243 C  "C2'" . DC A 1 12 ? -4.02130  8.81143   8.01843   1.000 144.57676 ? 12  DC A "C2'" 1 
ATOM   244 C  "C1'" . DC A 1 12 ? -2.64560  8.16510   8.10958   1.000 151.21676 ? 12  DC A "C1'" 1 
ATOM   245 N  N1    . DC A 1 12 ? -2.65305  6.69613   7.69318   1.000 151.75676 ? 12  DC A N1    1 
ATOM   246 C  C2    . DC A 1 12 ? -2.98526  6.32879   6.37100   1.000 146.66676 ? 12  DC A C2    1 
ATOM   247 O  O2    . DC A 1 12 ? -3.24128  7.21228   5.53519   1.000 144.63676 ? 12  DC A O2    1 
ATOM   248 N  N3    . DC A 1 12 ? -2.99599  5.00263   6.04096   1.000 141.68676 ? 12  DC A N3    1 
ATOM   249 C  C4    . DC A 1 12 ? -2.70961  4.07457   6.96599   1.000 143.91676 ? 12  DC A C4    1 
ATOM   250 N  N4    . DC A 1 12 ? -2.73277  2.78487   6.60102   1.000 140.88676 ? 12  DC A N4    1 
ATOM   251 C  C5    . DC A 1 12 ? -2.38477  4.42895   8.30640   1.000 149.34676 ? 12  DC A C5    1 
ATOM   252 C  C6    . DC A 1 12 ? -2.36985  5.73003   8.62233   1.000 150.93676 ? 12  DC A C6    1 
ATOM   253 P  P     . DC A 1 13 ? -7.19529  8.55801   10.01693  1.000 139.62560 ? 13  DC A P     1 
ATOM   254 O  OP1   . DC A 1 13 ? -8.04203  9.58605   10.66423  1.000 141.65560 ? 13  DC A OP1   1 
ATOM   255 O  OP2   . DC A 1 13 ? -6.99488  7.24887   10.68327  1.000 131.14560 ? 13  DC A OP2   1 
ATOM   256 O  "O5'" . DC A 1 13 ? -7.78056  8.25325   8.54860   1.000 135.29560 ? 13  DC A "O5'" 1 
ATOM   257 C  "C5'" . DC A 1 13 ? -7.88037  9.31862   7.57534   1.000 138.34560 ? 13  DC A "C5'" 1 
ATOM   258 C  "C4'" . DC A 1 13 ? -8.21010  8.77171   6.19234   1.000 136.99560 ? 13  DC A "C4'" 1 
ATOM   259 O  "O4'" . DC A 1 13 ? -7.07189  8.06057   5.65648   1.000 142.50560 ? 13  DC A "O4'" 1 
ATOM   260 C  "C3'" . DC A 1 13 ? -9.31907  7.74576   6.17062   1.000 136.44560 ? 13  DC A "C3'" 1 
ATOM   261 O  "O3'" . DC A 1 13 ? -10.57044 8.37950   6.16857   1.000 128.96560 ? 13  DC A "O3'" 1 
ATOM   262 C  "C2'" . DC A 1 13 ? -9.05606  7.06660   4.83858   1.000 131.89560 ? 13  DC A "C2'" 1 
ATOM   263 C  "C1'" . DC A 1 13 ? -7.53448  6.99807   4.83588   1.000 139.95560 ? 13  DC A "C1'" 1 
ATOM   264 N  N1    . DC A 1 13 ? -7.03238  5.72405   5.38751   1.000 132.51560 ? 13  DC A N1    1 
ATOM   265 C  C2    . DC A 1 13 ? -7.08717  4.57406   4.60427   1.000 132.21560 ? 13  DC A C2    1 
ATOM   266 O  O2    . DC A 1 13 ? -7.55042  4.65126   3.46443   1.000 133.46560 ? 13  DC A O2    1 
ATOM   267 N  N3    . DC A 1 13 ? -6.63041  3.40439   5.11622   1.000 128.41560 ? 13  DC A N3    1 
ATOM   268 C  C4    . DC A 1 13 ? -6.14078  3.36582   6.35524   1.000 123.78560 ? 13  DC A C4    1 
ATOM   269 N  N4    . DC A 1 13 ? -5.70116  2.18994   6.82047   1.000 121.04560 ? 13  DC A N4    1 
ATOM   270 C  C5    . DC A 1 13 ? -6.08085  4.53215   7.17299   1.000 136.16560 ? 13  DC A C5    1 
ATOM   271 C  C6    . DC A 1 13 ? -6.53558  5.67822   6.65409   1.000 138.04560 ? 13  DC A C6    1 
ATOM   272 P  P     . DC A 1 14 ? -11.85278 7.60425   6.74406   1.000 128.18868 ? 14  DC A P     1 
ATOM   273 O  OP1   . DC A 1 14 ? -12.94322 8.59824   6.86963   1.000 130.04868 ? 14  DC A OP1   1 
ATOM   274 O  OP2   . DC A 1 14 ? -11.42019 6.76834   7.88546   1.000 128.29868 ? 14  DC A OP2   1 
ATOM   275 O  "O5'" . DC A 1 14 ? -12.25707 6.57780   5.61098   1.000 130.73868 ? 14  DC A "O5'" 1 
ATOM   276 C  "C5'" . DC A 1 14 ? -12.62809 7.00888   4.34854   1.000 125.51868 ? 14  DC A "C5'" 1 
ATOM   277 C  "C4'" . DC A 1 14 ? -12.85518 5.79510   3.49718   1.000 116.96868 ? 14  DC A "C4'" 1 
ATOM   278 O  "O4'" . DC A 1 14 ? -11.57555 5.15170   3.25433   1.000 121.70868 ? 14  DC A "O4'" 1 
ATOM   279 C  "C3'" . DC A 1 14 ? -13.68927 4.70744   4.15757   1.000 116.84868 ? 14  DC A "C3'" 1 
ATOM   280 O  "O3'" . DC A 1 14 ? -15.08484 4.98373   4.01838   1.000 114.60868 ? 14  DC A "O3'" 1 
ATOM   281 C  "C2'" . DC A 1 14 ? -13.26376 3.49008   3.36332   1.000 110.10868 ? 14  DC A "C2'" 1 
ATOM   282 C  "C1'" . DC A 1 14 ? -11.76293 3.74432   3.22657   1.000 117.86868 ? 14  DC A "C1'" 1 
ATOM   283 N  N1    . DC A 1 14 ? -10.95965 3.12425   4.30580   1.000 115.07868 ? 14  DC A N1    1 
ATOM   284 C  C2    . DC A 1 14 ? -10.75268 1.74009   4.29221   1.000 113.51868 ? 14  DC A C2    1 
ATOM   285 O  O2    . DC A 1 14 ? -11.25896 1.06225   3.38947   1.000 108.29868 ? 14  DC A O2    1 
ATOM   286 N  N3    . DC A 1 14 ? -10.02051 1.17665   5.27793   1.000 112.86868 ? 14  DC A N3    1 
ATOM   287 C  C4    . DC A 1 14 ? -9.49766  1.93643   6.23375   1.000 112.16868 ? 14  DC A C4    1 
ATOM   288 N  N4    . DC A 1 14 ? -8.77697  1.32967   7.18147   1.000 107.50868 ? 14  DC A N4    1 
ATOM   289 C  C5    . DC A 1 14 ? -9.69004  3.35368   6.26253   1.000 119.58868 ? 14  DC A C5    1 
ATOM   290 C  C6    . DC A 1 14 ? -10.41802 3.90017   5.28572   1.000 117.92868 ? 14  DC A C6    1 
ATOM   291 P  P     . DC A 1 15 ? -16.11107 4.52858   5.17121   1.000 113.71360 ? 15  DC A P     1 
ATOM   292 O  OP1   . DC A 1 15 ? -17.41759 5.19159   4.92401   1.000 114.63360 ? 15  DC A OP1   1 
ATOM   293 O  OP2   . DC A 1 15 ? -15.38534 4.70402   6.44763   1.000 123.12360 ? 15  DC A OP2   1 
ATOM   294 O  "O5'" . DC A 1 15 ? -16.29230 2.95648   4.96717   1.000 98.73360  ? 15  DC A "O5'" 1 
ATOM   295 C  "C5'" . DC A 1 15 ? -16.60971 2.46164   3.68700   1.000 98.71360  ? 15  DC A "C5'" 1 
ATOM   296 C  "C4'" . DC A 1 15 ? -16.30033 0.99169   3.58885   1.000 86.10360  ? 15  DC A "C4'" 1 
ATOM   297 O  "O4'" . DC A 1 15 ? -14.89070 0.78194   3.77076   1.000 103.71360 ? 15  DC A "O4'" 1 
ATOM   298 C  "C3'" . DC A 1 15 ? -16.93364 0.16082   4.66893   1.000 86.81360  ? 15  DC A "C3'" 1 
ATOM   299 O  "O3'" . DC A 1 15 ? -18.23764 -0.14870  4.30840   1.000 97.92360  ? 15  DC A "O3'" 1 
ATOM   300 C  "C2'" . DC A 1 15 ? -16.05297 -1.07631  4.67387   1.000 85.66360  ? 15  DC A "C2'" 1 
ATOM   301 C  "C1'" . DC A 1 15 ? -14.67439 -0.47402  4.39585   1.000 96.54360  ? 15  DC A "C1'" 1 
ATOM   302 N  N1    . DC A 1 15 ? -13.82955 -0.28424  5.62639   1.000 101.54360 ? 15  DC A N1    1 
ATOM   303 C  C2    . DC A 1 15 ? -13.32596 -1.40894  6.29730   1.000 93.20360  ? 15  DC A C2    1 
ATOM   304 O  O2    . DC A 1 15 ? -13.56562 -2.54059  5.85135   1.000 87.43360  ? 15  DC A O2    1 
ATOM   305 N  N3    . DC A 1 15 ? -12.56202 -1.22616  7.40137   1.000 90.76360  ? 15  DC A N3    1 
ATOM   306 C  C4    . DC A 1 15 ? -12.31441 0.00361   7.84941   1.000 94.82360  ? 15  DC A C4    1 
ATOM   307 N  N4    . DC A 1 15 ? -11.56155 0.12579   8.94827   1.000 102.46360 ? 15  DC A N4    1 
ATOM   308 C  C5    . DC A 1 15 ? -12.82734 1.16188   7.19196   1.000 104.62360 ? 15  DC A C5    1 
ATOM   309 C  C6    . DC A 1 15 ? -13.57609 0.97403   6.09718   1.000 107.86360 ? 15  DC A C6    1 
ATOM   310 P  P     . DA A 1 16 ? -19.34933 -0.22141  5.45304   1.000 97.61374  ? 16  DA A P     1 
ATOM   311 O  OP1   . DA A 1 16 ? -20.61635 -0.76380  4.90602   1.000 76.14374  ? 16  DA A OP1   1 
ATOM   312 O  OP2   . DA A 1 16 ? -19.36311 1.13970   6.03446   1.000 91.16374  ? 16  DA A OP2   1 
ATOM   313 O  "O5'" . DA A 1 16 ? -18.70023 -1.22636  6.51463   1.000 69.21374  ? 16  DA A "O5'" 1 
ATOM   314 C  "C5'" . DA A 1 16 ? -19.42984 -2.31777  6.96637   1.000 78.63374  ? 16  DA A "C5'" 1 
ATOM   315 C  "C4'" . DA A 1 16 ? -18.55050 -3.53417  7.05026   1.000 82.92374  ? 16  DA A "C4'" 1 
ATOM   316 O  "O4'" . DA A 1 16 ? -17.18292 -3.14656  6.93639   1.000 78.25374  ? 16  DA A "O4'" 1 
ATOM   317 C  "C3'" . DA A 1 16 ? -18.62304 -4.22881  8.36662   1.000 93.40374  ? 16  DA A "C3'" 1 
ATOM   318 O  "O3'" . DA A 1 16 ? -19.65347 -5.07247  8.32314   1.000 101.40374 ? 16  DA A "O3'" 1 
ATOM   319 C  "C2'" . DA A 1 16 ? -17.31070 -4.98258  8.43610   1.000 84.04374  ? 16  DA A "C2'" 1 
ATOM   320 C  "C1'" . DA A 1 16 ? -16.38470 -4.04615  7.68160   1.000 82.52374  ? 16  DA A "C1'" 1 
ATOM   321 N  N9    . DA A 1 16 ? -15.50104 -3.27127  8.52653   1.000 77.49374  ? 16  DA A N9    1 
ATOM   322 C  C8    . DA A 1 16 ? -15.47319 -1.91310  8.66672   1.000 78.72374  ? 16  DA A C8    1 
ATOM   323 N  N7    . DA A 1 16 ? -14.54897 -1.48532  9.48944   1.000 82.22374  ? 16  DA A N7    1 
ATOM   324 C  C5    . DA A 1 16 ? -13.93985 -2.64265  9.92138   1.000 86.81374  ? 16  DA A C5    1 
ATOM   325 C  C6    . DA A 1 16 ? -12.88467 -2.87276  10.81280  1.000 87.01374  ? 16  DA A C6    1 
ATOM   326 N  N6    . DA A 1 16 ? -12.22941 -1.89108  11.45569  1.000 79.02374  ? 16  DA A N6    1 
ATOM   327 N  N1    . DA A 1 16 ? -12.52519 -4.15605  11.02119  1.000 88.87374  ? 16  DA A N1    1 
ATOM   328 C  C2    . DA A 1 16 ? -13.18539 -5.13219  10.37430  1.000 87.54374  ? 16  DA A C2    1 
ATOM   329 N  N3    . DA A 1 16 ? -14.19215 -5.03374  9.51514   1.000 81.66374  ? 16  DA A N3    1 
ATOM   330 C  C4    . DA A 1 16 ? -14.52052 -3.75369  9.33196   1.000 81.15374  ? 16  DA A C4    1 
ATOM   331 P  P     . DC A 1 17 ? -20.53168 -5.21186  9.63052   1.000 108.39130 ? 17  DC A P     1 
ATOM   332 O  OP1   . DC A 1 17 ? -21.80888 -5.86912  9.27759   1.000 99.41130  ? 17  DC A OP1   1 
ATOM   333 O  OP2   . DC A 1 17 ? -20.47544 -3.86034  10.22775  1.000 84.07130  ? 17  DC A OP2   1 
ATOM   334 O  "O5'" . DC A 1 17 ? -19.65513 -6.15528  10.54576  1.000 102.05130 ? 17  DC A "O5'" 1 
ATOM   335 C  "C5'" . DC A 1 17 ? -19.35792 -7.42654  10.09231  1.000 92.67130  ? 17  DC A "C5'" 1 
ATOM   336 C  "C4'" . DC A 1 17 ? -18.26652 -8.01114  10.92775  1.000 107.97130 ? 17  DC A "C4'" 1 
ATOM   337 O  "O4'" . DC A 1 17 ? -17.05736 -7.24843  10.72219  1.000 106.98130 ? 17  DC A "O4'" 1 
ATOM   338 C  "C3'" . DC A 1 17 ? -18.50919 -7.95187  12.43192  1.000 114.90130 ? 17  DC A "C3'" 1 
ATOM   339 O  "O3'" . DC A 1 17 ? -19.26235 -9.07903  12.84316  1.000 121.48130 ? 17  DC A "O3'" 1 
ATOM   340 C  "C2'" . DC A 1 17 ? -17.10675 -8.00629  12.98899  1.000 106.08130 ? 17  DC A "C2'" 1 
ATOM   341 C  "C1'" . DC A 1 17 ? -16.31776 -7.24136  11.93149  1.000 100.95130 ? 17  DC A "C1'" 1 
ATOM   342 N  N1    . DC A 1 17 ? -15.96527 -5.86356  12.31160  1.000 87.78130  ? 17  DC A N1    1 
ATOM   343 C  C2    . DC A 1 17 ? -14.92568 -5.67156  13.21592  1.000 91.45130  ? 17  DC A C2    1 
ATOM   344 O  O2    . DC A 1 17 ? -14.38072 -6.65933  13.71110  1.000 94.51130  ? 17  DC A O2    1 
ATOM   345 N  N3    . DC A 1 17 ? -14.57207 -4.41629  13.56127  1.000 77.85130  ? 17  DC A N3    1 
ATOM   346 C  C4    . DC A 1 17 ? -15.19224 -3.38052  13.01035  1.000 80.82130  ? 17  DC A C4    1 
ATOM   347 N  N4    . DC A 1 17 ? -14.80085 -2.15066  13.37603  1.000 79.60130  ? 17  DC A N4    1 
ATOM   348 C  C5    . DC A 1 17 ? -16.24756 -3.55585  12.06263  1.000 90.37130  ? 17  DC A C5    1 
ATOM   349 C  C6    . DC A 1 17 ? -16.59061 -4.80693  11.73684  1.000 83.05130  ? 17  DC A C6    1 
ATOM   350 P  P     . DC A 1 18 ? -20.20227 -9.02942  14.14675  1.000 121.84014 ? 18  DC A P     1 
ATOM   351 O  OP1   . DC A 1 18 ? -21.14831 -10.16577 14.06881  1.000 134.38014 ? 18  DC A OP1   1 
ATOM   352 O  OP2   . DC A 1 18 ? -20.69704 -7.64382  14.33737  1.000 88.62014  ? 18  DC A OP2   1 
ATOM   353 O  "O5'" . DC A 1 18 ? -19.17966 -9.36187  15.31890  1.000 108.18014 ? 18  DC A "O5'" 1 
ATOM   354 C  "C5'" . DC A 1 18 ? -18.36600 -10.51427 15.20362  1.000 116.43014 ? 18  DC A "C5'" 1 
ATOM   355 C  "C4'" . DC A 1 18 ? -17.25867 -10.49308 16.23143  1.000 124.85014 ? 18  DC A "C4'" 1 
ATOM   356 O  "O4'" . DC A 1 18 ? -16.44625 -9.29226  16.05886  1.000 110.64014 ? 18  DC A "O4'" 1 
ATOM   357 C  "C3'" . DC A 1 18 ? -17.74514 -10.45730 17.67596  1.000 121.55014 ? 18  DC A "C3'" 1 
ATOM   358 O  "O3'" . DC A 1 18 ? -16.90531 -11.28440 18.46737  1.000 139.42014 ? 18  DC A "O3'" 1 
ATOM   359 C  "C2'" . DC A 1 18 ? -17.60869 -8.98593  18.05934  1.000 110.61014 ? 18  DC A "C2'" 1 
ATOM   360 C  "C1'" . DC A 1 18 ? -16.35329 -8.61470  17.29763  1.000 96.31014  ? 18  DC A "C1'" 1 
ATOM   361 N  N1    . DC A 1 18 ? -16.19430 -7.14976  17.07086  1.000 93.59014  ? 18  DC A N1    1 
ATOM   362 C  C2    . DC A 1 18 ? -15.11253 -6.46972  17.64943  1.000 93.97014  ? 18  DC A C2    1 
ATOM   363 O  O2    . DC A 1 18 ? -14.31158 -7.09206  18.34564  1.000 101.11014 ? 18  DC A O2    1 
ATOM   364 N  N3    . DC A 1 18 ? -14.98174 -5.14258  17.44184  1.000 97.28014  ? 18  DC A N3    1 
ATOM   365 C  C4    . DC A 1 18 ? -15.86684 -4.49958  16.69146  1.000 97.68014  ? 18  DC A C4    1 
ATOM   366 N  N4    . DC A 1 18 ? -15.69357 -3.18710  16.51332  1.000 87.90014  ? 18  DC A N4    1 
ATOM   367 C  C5    . DC A 1 18 ? -16.97272 -5.17137  16.08881  1.000 101.40014 ? 18  DC A C5    1 
ATOM   368 C  C6    . DC A 1 18 ? -17.09483 -6.48499  16.30357  1.000 97.31014  ? 18  DC A C6    1 
HETATM 369 SR SR    . SR B 2 .  ? -3.06426  -2.90699  5.31171   1.000 141.87380 ? 101 SR A SR    1 
# 
